data_5LA2
#
_entry.id   5LA2
#
_cell.length_a   76.273
_cell.length_b   123.176
_cell.length_c   125.380
_cell.angle_alpha   90.00
_cell.angle_beta   90.00
_cell.angle_gamma   90.00
#
_symmetry.space_group_name_H-M   'P 21 21 21'
#
loop_
_entity.id
_entity.type
_entity.pdbx_description
1 polymer 'Carbohydrate binding family 6'
2 branched beta-D-xylopyranose-(1-4)-beta-D-xylopyranose-(1-4)-beta-D-xylopyranose-(1-4)-[alpha-L-arabinofuranose-(1-3)]alpha-D-xylopyranose
3 non-polymer beta-L-arabinopyranose
4 non-polymer 'CALCIUM ION'
5 water water
#
_entity_poly.entity_id   1
_entity_poly.type   'polypeptide(L)'
_entity_poly.pdbx_seq_one_letter_code
;MASSPQRGRPRLNAARTTFVGDNGQPLRGPYTSTEWTAAAPYDQIARVKELGFNAVHLYAECFDPRYPAPGSKAPGYAVN
EIDKIVERTRELGLYLVITIGNGANNGNHNAQWARDFWKFYAPRYAKETHVLYEIHNEPVAWGPPYSSSTANPPGAVDME
IDVYRIIRTYAPETPVLLFSYAVFGGKGGAAEALKDIRAFNKAVFGNENAVWTNEAVAFHGYAGWQETTIAVEELLKAGY
PCFMTSYAGGAWGSGMGGLDVELTYELERLGVSWLTFQYIPPTGVSDDVTKPEYFSALVENSGLSWTPDYGNWPAARGVY
GNGGLARETATWINNFLTGTTRIEAEDFDWGGNGVSYYDTDSVNVGGQYRPDEGVDIEKTSDTGGGYNVGWISEGEWLEY
TIRVRNPGYYNLSLRVAGISGSRVQVSFGNQDKTGVWELPATGGFQTWTTATRQVFLGAGLQKLRINALSGGFNLNWIEL
SPILEHHHHHH
;
_entity_poly.pdbx_strand_id   A,B
#
# COMPACT_ATOMS: atom_id res chain seq x y z
N SER A 4 -37.64 19.56 -15.57
CA SER A 4 -37.68 18.56 -14.46
C SER A 4 -36.41 18.58 -13.59
N PRO A 5 -36.56 18.45 -12.26
CA PRO A 5 -35.36 18.27 -11.46
C PRO A 5 -34.81 16.82 -11.51
N GLN A 6 -35.50 15.86 -12.17
CA GLN A 6 -35.07 14.46 -12.18
C GLN A 6 -33.66 14.31 -12.74
N ARG A 7 -32.80 13.65 -11.97
CA ARG A 7 -31.40 13.50 -12.43
C ARG A 7 -31.24 12.53 -13.60
N GLY A 8 -30.36 12.89 -14.54
CA GLY A 8 -29.97 12.03 -15.66
C GLY A 8 -29.22 10.78 -15.22
N ARG A 9 -29.26 9.76 -16.07
CA ARG A 9 -28.65 8.46 -15.75
C ARG A 9 -27.21 8.62 -15.31
N PRO A 10 -26.82 7.95 -14.21
CA PRO A 10 -25.39 7.85 -13.89
C PRO A 10 -24.70 7.07 -14.98
N ARG A 11 -23.40 7.32 -15.18
CA ARG A 11 -22.59 6.64 -16.18
CA ARG A 11 -22.61 6.55 -16.13
C ARG A 11 -21.19 6.42 -15.63
N LEU A 12 -20.47 5.44 -16.16
CA LEU A 12 -19.07 5.27 -15.80
C LEU A 12 -18.29 6.50 -16.23
N ASN A 13 -17.37 6.95 -15.38
CA ASN A 13 -16.52 8.07 -15.75
C ASN A 13 -15.52 7.62 -16.80
N ALA A 14 -14.82 8.59 -17.41
CA ALA A 14 -13.85 8.30 -18.48
C ALA A 14 -12.71 7.39 -17.99
N ALA A 15 -12.28 7.62 -16.76
CA ALA A 15 -11.26 6.80 -16.12
C ALA A 15 -11.75 5.41 -15.68
N ARG A 16 -13.06 5.15 -15.75
CA ARG A 16 -13.64 3.85 -15.40
C ARG A 16 -13.32 3.42 -13.95
N THR A 17 -13.41 4.39 -13.05
CA THR A 17 -13.21 4.15 -11.63
C THR A 17 -14.52 4.02 -10.88
N THR A 18 -15.58 4.70 -11.35
CA THR A 18 -16.87 4.65 -10.61
C THR A 18 -18.02 5.15 -11.48
N PHE A 19 -19.24 5.10 -10.93
CA PHE A 19 -20.38 5.81 -11.48
C PHE A 19 -20.33 7.26 -11.07
N VAL A 20 -20.47 8.15 -12.05
CA VAL A 20 -20.70 9.57 -11.79
C VAL A 20 -22.07 10.03 -12.31
N GLY A 21 -22.51 11.18 -11.83
CA GLY A 21 -23.79 11.74 -12.21
C GLY A 21 -23.81 12.46 -13.54
N ASP A 22 -24.96 13.09 -13.79
CA ASP A 22 -25.17 13.84 -15.03
C ASP A 22 -24.31 15.10 -15.17
N ASN A 23 -23.60 15.50 -14.12
CA ASN A 23 -22.68 16.62 -14.14
C ASN A 23 -21.22 16.14 -13.98
N GLY A 24 -20.98 14.83 -14.09
CA GLY A 24 -19.63 14.26 -14.02
C GLY A 24 -19.08 14.02 -12.62
N GLN A 25 -19.88 14.33 -11.59
CA GLN A 25 -19.44 14.22 -10.21
C GLN A 25 -19.81 12.89 -9.57
N PRO A 26 -18.98 12.41 -8.61
CA PRO A 26 -19.35 11.25 -7.86
C PRO A 26 -20.68 11.37 -7.13
N LEU A 27 -21.22 10.18 -6.86
CA LEU A 27 -22.37 10.04 -5.97
C LEU A 27 -21.86 9.94 -4.54
N ARG A 28 -22.46 10.73 -3.64
CA ARG A 28 -22.11 10.82 -2.23
C ARG A 28 -23.40 10.93 -1.44
N GLY A 29 -23.58 10.08 -0.42
CA GLY A 29 -24.82 10.09 0.32
C GLY A 29 -24.88 9.24 1.55
N PRO A 30 -25.92 9.43 2.39
CA PRO A 30 -26.18 8.63 3.56
C PRO A 30 -27.23 7.55 3.20
N TYR A 31 -27.81 6.90 4.20
CA TYR A 31 -28.81 5.86 3.94
C TYR A 31 -30.11 6.11 4.66
N THR A 32 -31.13 5.40 4.17
CA THR A 32 -32.38 5.21 4.88
C THR A 32 -32.90 3.80 4.63
N SER A 33 -33.99 3.45 5.32
CA SER A 33 -34.55 2.11 5.23
C SER A 33 -36.07 2.14 5.24
N THR A 34 -36.65 1.25 4.42
CA THR A 34 -38.08 0.97 4.43
C THR A 34 -38.32 -0.48 4.74
N GLU A 35 -37.34 -1.12 5.39
CA GLU A 35 -37.41 -2.54 5.73
C GLU A 35 -38.49 -2.87 6.77
N TRP A 36 -38.60 -2.03 7.82
CA TRP A 36 -39.58 -2.22 8.92
C TRP A 36 -40.23 -0.87 9.41
N THR A 37 -40.07 0.19 8.62
CA THR A 37 -40.53 1.53 8.93
C THR A 37 -41.08 2.17 7.69
N ALA A 38 -41.80 3.29 7.89
CA ALA A 38 -42.25 4.11 6.78
C ALA A 38 -41.09 4.84 6.08
N ALA A 39 -41.37 5.34 4.89
CA ALA A 39 -40.44 6.17 4.14
C ALA A 39 -40.22 7.49 4.85
N ALA A 40 -38.95 7.86 4.98
CA ALA A 40 -38.55 9.13 5.58
C ALA A 40 -39.27 10.30 4.91
N PRO A 41 -39.73 11.28 5.71
CA PRO A 41 -40.43 12.41 5.09
C PRO A 41 -39.62 13.20 4.09
N TYR A 42 -40.32 13.86 3.18
CA TYR A 42 -39.72 14.72 2.19
C TYR A 42 -38.72 15.75 2.75
N ASP A 43 -39.12 16.48 3.81
CA ASP A 43 -38.22 17.52 4.37
C ASP A 43 -36.96 16.95 5.03
N GLN A 44 -37.02 15.73 5.54
CA GLN A 44 -35.86 15.07 6.13
C GLN A 44 -34.89 14.59 5.03
N ILE A 45 -35.42 14.02 3.96
CA ILE A 45 -34.58 13.66 2.80
C ILE A 45 -33.94 14.90 2.21
N ALA A 46 -34.69 16.00 2.11
CA ALA A 46 -34.21 17.29 1.60
C ALA A 46 -32.94 17.79 2.31
N ARG A 47 -32.81 17.48 3.61
CA ARG A 47 -31.67 17.95 4.42
C ARG A 47 -30.34 17.41 3.92
N VAL A 48 -30.34 16.31 3.19
CA VAL A 48 -29.06 15.74 2.71
C VAL A 48 -28.38 16.66 1.69
N LYS A 49 -29.18 17.44 0.95
CA LYS A 49 -28.65 18.40 -0.02
C LYS A 49 -27.78 19.49 0.64
N GLU A 50 -28.11 19.85 1.89
CA GLU A 50 -27.38 20.88 2.60
C GLU A 50 -26.18 20.33 3.32
N LEU A 51 -26.02 19.00 3.33
CA LEU A 51 -24.86 18.34 3.87
C LEU A 51 -23.92 17.87 2.76
N GLY A 52 -24.02 18.48 1.58
CA GLY A 52 -23.10 18.18 0.48
C GLY A 52 -23.32 16.91 -0.32
N PHE A 53 -24.47 16.25 -0.08
CA PHE A 53 -24.77 14.96 -0.68
C PHE A 53 -25.62 15.12 -1.92
N ASN A 54 -25.57 14.11 -2.80
CA ASN A 54 -26.41 14.09 -4.00
C ASN A 54 -27.09 12.72 -4.24
N ALA A 55 -27.06 11.84 -3.21
CA ALA A 55 -27.55 10.49 -3.34
C ALA A 55 -28.08 9.94 -2.02
N VAL A 56 -28.88 8.89 -2.14
CA VAL A 56 -29.43 8.18 -0.99
C VAL A 56 -29.29 6.69 -1.22
N HIS A 57 -28.77 5.98 -0.21
CA HIS A 57 -28.77 4.54 -0.17
C HIS A 57 -30.06 4.06 0.50
N LEU A 58 -30.86 3.25 -0.20
CA LEU A 58 -32.09 2.69 0.39
C LEU A 58 -31.96 1.17 0.61
N TYR A 59 -32.04 0.75 1.87
CA TYR A 59 -32.28 -0.66 2.19
C TYR A 59 -33.79 -0.77 2.07
N ALA A 60 -34.27 -1.39 0.97
CA ALA A 60 -35.67 -1.29 0.59
C ALA A 60 -36.55 -2.28 1.38
N GLU A 61 -36.12 -3.53 1.38
CA GLU A 61 -36.77 -4.61 2.12
C GLU A 61 -35.70 -5.54 2.69
N CYS A 62 -36.02 -6.19 3.79
CA CYS A 62 -35.17 -7.19 4.44
CA CYS A 62 -35.10 -7.20 4.31
C CYS A 62 -35.63 -8.58 3.99
N PHE A 63 -34.71 -9.44 3.55
CA PHE A 63 -35.06 -10.79 3.11
C PHE A 63 -35.45 -11.70 4.27
N ASP A 64 -36.25 -12.71 3.94
CA ASP A 64 -36.66 -13.74 4.90
C ASP A 64 -35.95 -15.07 4.56
N PRO A 65 -35.04 -15.53 5.44
CA PRO A 65 -34.34 -16.81 5.19
C PRO A 65 -35.27 -18.02 4.97
N ARG A 66 -36.46 -18.02 5.56
CA ARG A 66 -37.40 -19.16 5.48
C ARG A 66 -38.19 -19.19 4.19
N TYR A 67 -38.21 -18.09 3.42
CA TYR A 67 -38.97 -18.03 2.16
C TYR A 67 -38.58 -19.12 1.16
N PRO A 68 -39.54 -19.78 0.48
CA PRO A 68 -40.97 -19.42 0.46
C PRO A 68 -41.87 -20.34 1.32
N ALA A 69 -41.35 -20.81 2.44
CA ALA A 69 -42.13 -21.60 3.41
C ALA A 69 -43.39 -20.85 3.90
N PRO A 70 -44.40 -21.60 4.38
CA PRO A 70 -45.61 -20.97 4.93
C PRO A 70 -45.31 -19.94 6.01
N GLY A 71 -46.01 -18.80 5.98
CA GLY A 71 -45.78 -17.72 6.95
C GLY A 71 -44.49 -16.92 6.79
N SER A 72 -43.74 -17.19 5.71
CA SER A 72 -42.50 -16.43 5.43
C SER A 72 -42.92 -15.11 4.83
N LYS A 73 -42.11 -14.05 5.02
CA LYS A 73 -42.40 -12.75 4.42
C LYS A 73 -41.86 -12.66 2.99
N ALA A 74 -42.75 -12.52 2.03
CA ALA A 74 -42.39 -12.39 0.63
C ALA A 74 -41.88 -11.00 0.26
N PRO A 75 -41.08 -10.90 -0.81
CA PRO A 75 -40.72 -9.56 -1.27
C PRO A 75 -41.91 -8.81 -1.86
N GLY A 76 -41.79 -7.49 -1.89
CA GLY A 76 -42.84 -6.60 -2.36
C GLY A 76 -43.64 -5.95 -1.25
N TYR A 77 -43.45 -6.39 0.00
CA TYR A 77 -44.25 -5.85 1.13
C TYR A 77 -44.16 -4.33 1.33
N ALA A 78 -43.02 -3.73 0.97
CA ALA A 78 -42.76 -2.29 1.21
C ALA A 78 -43.00 -1.40 -0.01
N VAL A 79 -43.63 -1.94 -1.04
CA VAL A 79 -43.75 -1.24 -2.31
C VAL A 79 -44.26 0.19 -2.20
N ASN A 80 -45.27 0.42 -1.36
CA ASN A 80 -45.80 1.79 -1.24
C ASN A 80 -44.81 2.74 -0.59
N GLU A 81 -44.01 2.22 0.33
CA GLU A 81 -42.95 3.03 0.97
C GLU A 81 -41.78 3.26 0.02
N ILE A 82 -41.38 2.23 -0.72
CA ILE A 82 -40.31 2.42 -1.71
C ILE A 82 -40.74 3.39 -2.83
N ASP A 83 -41.99 3.31 -3.28
CA ASP A 83 -42.46 4.26 -4.28
C ASP A 83 -42.28 5.68 -3.77
N LYS A 84 -42.53 5.93 -2.47
CA LYS A 84 -42.42 7.27 -1.88
C LYS A 84 -40.96 7.76 -1.91
N ILE A 85 -40.04 6.89 -1.52
CA ILE A 85 -38.61 7.24 -1.62
C ILE A 85 -38.20 7.56 -3.06
N VAL A 86 -38.66 6.75 -4.01
CA VAL A 86 -38.33 6.99 -5.41
C VAL A 86 -38.87 8.35 -5.88
N GLU A 87 -40.13 8.66 -5.51
CA GLU A 87 -40.75 9.95 -5.88
C GLU A 87 -40.02 11.15 -5.25
N ARG A 88 -39.75 11.03 -3.96
CA ARG A 88 -39.15 12.11 -3.17
C ARG A 88 -37.72 12.39 -3.63
N THR A 89 -36.95 11.35 -3.87
CA THR A 89 -35.63 11.55 -4.47
C THR A 89 -35.69 12.11 -5.90
N ARG A 90 -36.68 11.69 -6.69
CA ARG A 90 -36.87 12.23 -8.04
C ARG A 90 -37.02 13.76 -8.00
N GLU A 91 -37.93 14.20 -7.16
CA GLU A 91 -38.32 15.61 -7.06
C GLU A 91 -37.25 16.46 -6.42
N LEU A 92 -36.46 15.85 -5.51
CA LEU A 92 -35.34 16.54 -4.83
C LEU A 92 -34.05 16.61 -5.65
N GLY A 93 -34.01 16.02 -6.84
CA GLY A 93 -32.81 15.99 -7.67
C GLY A 93 -31.68 15.17 -7.08
N LEU A 94 -32.04 14.04 -6.46
CA LEU A 94 -31.12 13.13 -5.83
C LEU A 94 -31.04 11.82 -6.58
N TYR A 95 -29.87 11.18 -6.51
CA TYR A 95 -29.71 9.80 -6.95
C TYR A 95 -30.19 8.85 -5.86
N LEU A 96 -30.63 7.63 -6.25
CA LEU A 96 -31.11 6.63 -5.29
C LEU A 96 -30.52 5.28 -5.64
N VAL A 97 -29.86 4.63 -4.68
CA VAL A 97 -29.34 3.27 -4.84
C VAL A 97 -30.24 2.35 -4.02
N ILE A 98 -31.01 1.49 -4.70
CA ILE A 98 -31.87 0.53 -4.02
C ILE A 98 -31.23 -0.83 -3.85
N THR A 99 -31.29 -1.38 -2.62
CA THR A 99 -30.78 -2.73 -2.35
C THR A 99 -31.75 -3.54 -1.43
N ILE A 100 -31.42 -4.81 -1.31
CA ILE A 100 -32.03 -5.71 -0.35
C ILE A 100 -31.15 -5.72 0.89
N GLY A 101 -31.75 -5.46 2.05
CA GLY A 101 -31.06 -5.53 3.30
C GLY A 101 -31.25 -6.87 3.98
N ASN A 102 -30.60 -7.01 5.13
CA ASN A 102 -30.47 -8.31 5.79
C ASN A 102 -30.96 -8.40 7.22
N GLY A 103 -31.14 -7.26 7.90
CA GLY A 103 -31.56 -7.27 9.33
C GLY A 103 -30.52 -7.94 10.19
N ALA A 104 -30.91 -8.97 10.92
CA ALA A 104 -29.95 -9.75 11.71
C ALA A 104 -29.11 -10.74 10.89
N ASN A 105 -29.46 -10.90 9.61
CA ASN A 105 -28.82 -11.90 8.75
C ASN A 105 -27.82 -11.33 7.73
N ASN A 106 -26.97 -10.38 8.14
CA ASN A 106 -25.91 -9.93 7.25
C ASN A 106 -24.96 -11.10 7.09
N GLY A 107 -24.36 -11.17 5.92
CA GLY A 107 -23.45 -12.22 5.58
C GLY A 107 -24.23 -13.45 5.16
N ASN A 108 -25.44 -13.23 4.65
CA ASN A 108 -26.35 -14.30 4.24
C ASN A 108 -27.30 -13.76 3.16
N HIS A 109 -27.93 -14.66 2.43
CA HIS A 109 -28.95 -14.29 1.48
C HIS A 109 -29.84 -15.48 1.23
N ASN A 110 -30.95 -15.21 0.55
CA ASN A 110 -31.88 -16.26 0.09
C ASN A 110 -32.07 -15.99 -1.41
N ALA A 111 -31.56 -16.88 -2.25
CA ALA A 111 -31.48 -16.58 -3.69
C ALA A 111 -32.88 -16.39 -4.32
N GLN A 112 -33.84 -17.26 -3.97
CA GLN A 112 -35.17 -17.16 -4.54
C GLN A 112 -35.86 -15.87 -4.13
N TRP A 113 -35.73 -15.51 -2.85
CA TRP A 113 -36.21 -14.20 -2.36
C TRP A 113 -35.63 -13.05 -3.21
N ALA A 114 -34.32 -13.07 -3.46
CA ALA A 114 -33.68 -12.00 -4.25
C ALA A 114 -34.16 -11.97 -5.71
N ARG A 115 -34.24 -13.13 -6.35
CA ARG A 115 -34.76 -13.20 -7.70
C ARG A 115 -36.20 -12.64 -7.82
N ASP A 116 -37.07 -13.00 -6.87
CA ASP A 116 -38.46 -12.49 -6.86
C ASP A 116 -38.55 -10.99 -6.56
N PHE A 117 -37.70 -10.51 -5.65
CA PHE A 117 -37.63 -9.09 -5.34
C PHE A 117 -37.34 -8.30 -6.62
N TRP A 118 -36.32 -8.73 -7.34
CA TRP A 118 -35.88 -7.98 -8.51
C TRP A 118 -36.79 -8.21 -9.67
N LYS A 119 -37.48 -9.34 -9.70
CA LYS A 119 -38.50 -9.57 -10.74
C LYS A 119 -39.60 -8.50 -10.63
N PHE A 120 -39.99 -8.17 -9.39
CA PHE A 120 -41.04 -7.17 -9.13
C PHE A 120 -40.50 -5.74 -9.31
N TYR A 121 -39.35 -5.45 -8.70
CA TYR A 121 -38.86 -4.09 -8.65
C TYR A 121 -38.07 -3.64 -9.85
N ALA A 122 -37.34 -4.50 -10.54
CA ALA A 122 -36.57 -4.04 -11.71
C ALA A 122 -37.39 -3.33 -12.78
N PRO A 123 -38.50 -3.94 -13.22
CA PRO A 123 -39.31 -3.24 -14.20
C PRO A 123 -39.98 -1.97 -13.64
N ARG A 124 -40.27 -1.97 -12.34
CA ARG A 124 -41.02 -0.89 -11.73
C ARG A 124 -40.26 0.42 -11.82
N TYR A 125 -38.95 0.40 -11.54
CA TYR A 125 -38.16 1.64 -11.55
C TYR A 125 -37.21 1.74 -12.74
N ALA A 126 -37.42 0.90 -13.76
CA ALA A 126 -36.51 0.86 -14.91
C ALA A 126 -36.30 2.20 -15.59
N LYS A 127 -37.38 2.99 -15.68
CA LYS A 127 -37.35 4.25 -16.40
C LYS A 127 -36.95 5.42 -15.51
N GLU A 128 -36.76 5.19 -14.20
CA GLU A 128 -36.39 6.23 -13.26
C GLU A 128 -34.89 6.50 -13.41
N THR A 129 -34.53 7.57 -14.13
CA THR A 129 -33.13 7.75 -14.54
C THR A 129 -32.19 8.04 -13.36
N HIS A 130 -32.76 8.44 -12.23
CA HIS A 130 -31.97 8.69 -10.97
C HIS A 130 -31.74 7.46 -10.09
N VAL A 131 -32.27 6.30 -10.50
CA VAL A 131 -32.25 5.10 -9.68
C VAL A 131 -31.24 4.06 -10.19
N LEU A 132 -30.42 3.56 -9.28
CA LEU A 132 -29.46 2.45 -9.51
C LEU A 132 -29.85 1.27 -8.66
N TYR A 133 -29.48 0.08 -9.12
CA TYR A 133 -29.85 -1.14 -8.45
C TYR A 133 -28.60 -1.82 -7.92
N GLU A 134 -28.59 -2.10 -6.62
CA GLU A 134 -27.54 -2.88 -5.96
C GLU A 134 -28.15 -4.24 -5.62
N ILE A 135 -27.64 -5.31 -6.25
CA ILE A 135 -28.24 -6.63 -6.17
C ILE A 135 -28.60 -7.11 -4.76
N HIS A 136 -27.67 -7.03 -3.81
CA HIS A 136 -27.96 -7.57 -2.49
C HIS A 136 -26.89 -7.14 -1.51
N ASN A 137 -27.31 -6.57 -0.40
CA ASN A 137 -26.35 -6.26 0.66
C ASN A 137 -25.69 -7.52 1.25
N GLU A 138 -24.39 -7.40 1.52
CA GLU A 138 -23.59 -8.40 2.27
C GLU A 138 -24.18 -9.83 2.24
N PRO A 139 -24.20 -10.47 1.04
CA PRO A 139 -24.88 -11.73 0.86
C PRO A 139 -24.11 -12.98 1.40
N VAL A 140 -22.87 -12.78 1.81
CA VAL A 140 -21.93 -13.85 2.18
C VAL A 140 -21.05 -13.37 3.31
N ALA A 141 -20.84 -14.22 4.28
CA ALA A 141 -19.99 -13.93 5.41
C ALA A 141 -18.57 -14.29 5.01
N TRP A 142 -17.67 -13.35 4.70
CA TRP A 142 -17.80 -11.88 4.83
C TRP A 142 -17.18 -11.14 3.64
N GLY A 143 -16.80 -11.84 2.60
CA GLY A 143 -16.30 -11.20 1.41
C GLY A 143 -15.87 -12.25 0.38
N PRO A 144 -15.01 -11.89 -0.57
CA PRO A 144 -14.65 -12.80 -1.68
C PRO A 144 -13.70 -13.92 -1.25
N PRO A 145 -13.68 -15.07 -1.94
CA PRO A 145 -14.46 -15.39 -3.14
C PRO A 145 -15.81 -16.00 -2.83
N TYR A 146 -16.87 -15.34 -3.24
CA TYR A 146 -18.21 -15.95 -3.19
C TYR A 146 -18.27 -17.27 -3.99
N SER A 147 -17.46 -17.37 -5.03
CA SER A 147 -17.47 -18.51 -5.93
C SER A 147 -16.90 -19.81 -5.32
N SER A 148 -16.21 -19.72 -4.19
CA SER A 148 -15.77 -20.93 -3.51
C SER A 148 -16.97 -21.82 -3.13
N SER A 149 -16.81 -23.10 -3.36
CA SER A 149 -17.83 -24.07 -3.00
C SER A 149 -18.10 -24.11 -1.50
N THR A 150 -17.17 -23.58 -0.69
CA THR A 150 -17.31 -23.49 0.74
C THR A 150 -17.63 -22.07 1.24
N ALA A 151 -17.98 -21.14 0.35
CA ALA A 151 -18.47 -19.83 0.81
C ALA A 151 -19.67 -19.99 1.73
N ASN A 152 -19.80 -19.07 2.66
CA ASN A 152 -20.83 -19.14 3.69
C ASN A 152 -21.87 -18.01 3.51
N PRO A 153 -22.99 -18.26 2.83
CA PRO A 153 -23.38 -19.53 2.21
C PRO A 153 -22.94 -19.61 0.75
N PRO A 154 -23.05 -20.81 0.14
CA PRO A 154 -22.64 -20.99 -1.27
C PRO A 154 -23.61 -20.43 -2.27
N GLY A 155 -23.15 -20.24 -3.50
CA GLY A 155 -23.98 -19.90 -4.63
C GLY A 155 -24.28 -18.42 -4.84
N ALA A 156 -23.64 -17.52 -4.09
CA ALA A 156 -23.92 -16.09 -4.26
C ALA A 156 -23.61 -15.60 -5.68
N VAL A 157 -22.57 -16.15 -6.35
CA VAL A 157 -22.25 -15.72 -7.71
C VAL A 157 -23.39 -16.11 -8.68
N ASP A 158 -23.99 -17.28 -8.47
CA ASP A 158 -25.14 -17.71 -9.27
C ASP A 158 -26.31 -16.71 -9.06
N MET A 159 -26.52 -16.27 -7.82
CA MET A 159 -27.53 -15.24 -7.55
CA MET A 159 -27.52 -15.26 -7.55
C MET A 159 -27.19 -13.96 -8.26
N GLU A 160 -25.93 -13.54 -8.22
CA GLU A 160 -25.54 -12.28 -8.91
C GLU A 160 -25.81 -12.38 -10.40
N ILE A 161 -25.45 -13.52 -10.98
CA ILE A 161 -25.68 -13.76 -12.42
C ILE A 161 -27.18 -13.73 -12.75
N ASP A 162 -27.96 -14.50 -12.00
CA ASP A 162 -29.39 -14.65 -12.20
C ASP A 162 -30.13 -13.33 -12.06
N VAL A 163 -29.81 -12.57 -11.01
CA VAL A 163 -30.46 -11.29 -10.77
C VAL A 163 -30.05 -10.26 -11.85
N TYR A 164 -28.80 -10.27 -12.25
CA TYR A 164 -28.34 -9.41 -13.29
C TYR A 164 -29.15 -9.66 -14.55
N ARG A 165 -29.33 -10.93 -14.91
CA ARG A 165 -30.10 -11.20 -16.14
C ARG A 165 -31.54 -10.74 -16.06
N ILE A 166 -32.17 -10.96 -14.89
CA ILE A 166 -33.51 -10.45 -14.58
C ILE A 166 -33.55 -8.92 -14.71
N ILE A 167 -32.59 -8.22 -14.09
CA ILE A 167 -32.51 -6.77 -14.18
C ILE A 167 -32.36 -6.29 -15.61
N ARG A 168 -31.47 -6.91 -16.38
CA ARG A 168 -31.24 -6.49 -17.76
C ARG A 168 -32.40 -6.80 -18.69
N THR A 169 -33.19 -7.84 -18.40
CA THR A 169 -34.41 -8.15 -19.15
C THR A 169 -35.45 -7.01 -19.01
N TYR A 170 -35.64 -6.50 -17.79
CA TYR A 170 -36.69 -5.53 -17.51
C TYR A 170 -36.21 -4.11 -17.33
N ALA A 171 -34.90 -3.92 -17.16
CA ALA A 171 -34.31 -2.62 -16.91
C ALA A 171 -33.00 -2.58 -17.65
N PRO A 172 -33.07 -2.51 -19.00
CA PRO A 172 -31.85 -2.65 -19.76
C PRO A 172 -30.78 -1.57 -19.56
N GLU A 173 -31.17 -0.38 -19.11
CA GLU A 173 -30.27 0.79 -19.00
C GLU A 173 -29.90 1.14 -17.58
N THR A 174 -30.39 0.38 -16.58
CA THR A 174 -30.25 0.76 -15.15
C THR A 174 -28.87 0.32 -14.65
N PRO A 175 -28.11 1.24 -14.01
CA PRO A 175 -26.83 0.83 -13.44
C PRO A 175 -26.98 -0.26 -12.39
N VAL A 176 -26.05 -1.21 -12.40
CA VAL A 176 -26.08 -2.33 -11.45
C VAL A 176 -24.80 -2.36 -10.64
N LEU A 177 -24.97 -2.43 -9.31
CA LEU A 177 -23.87 -2.61 -8.40
C LEU A 177 -23.85 -4.06 -7.88
N LEU A 178 -22.71 -4.73 -8.08
CA LEU A 178 -22.49 -6.15 -7.87
C LEU A 178 -21.73 -6.46 -6.56
N PHE A 179 -22.05 -7.61 -5.97
CA PHE A 179 -21.32 -8.29 -4.85
C PHE A 179 -21.50 -7.73 -3.44
N SER A 180 -21.33 -6.41 -3.27
CA SER A 180 -21.53 -5.77 -1.97
C SER A 180 -20.75 -6.50 -0.88
N TYR A 181 -19.46 -6.66 -1.15
CA TYR A 181 -18.56 -7.35 -0.24
C TYR A 181 -18.45 -6.62 1.12
N ALA A 182 -18.77 -7.29 2.23
CA ALA A 182 -18.63 -6.70 3.55
C ALA A 182 -17.16 -6.32 3.88
N VAL A 183 -16.27 -7.28 3.62
CA VAL A 183 -14.83 -7.20 3.92
C VAL A 183 -14.08 -7.36 2.59
N PHE A 184 -13.44 -6.27 2.16
CA PHE A 184 -12.75 -6.17 0.91
C PHE A 184 -11.36 -5.59 1.19
N GLY A 185 -10.37 -6.48 1.31
CA GLY A 185 -9.09 -6.06 1.87
C GLY A 185 -7.88 -6.69 1.24
N GLY A 186 -6.93 -5.85 0.85
CA GLY A 186 -5.58 -6.31 0.45
C GLY A 186 -5.54 -6.71 -0.99
N LYS A 187 -4.33 -6.95 -1.48
CA LYS A 187 -4.14 -7.47 -2.83
C LYS A 187 -4.80 -8.84 -2.94
N GLY A 188 -4.76 -9.60 -1.85
CA GLY A 188 -5.41 -10.88 -1.78
C GLY A 188 -6.91 -10.82 -1.94
N GLY A 189 -7.53 -9.82 -1.32
CA GLY A 189 -8.99 -9.61 -1.47
C GLY A 189 -9.37 -9.30 -2.90
N ALA A 190 -8.58 -8.45 -3.54
CA ALA A 190 -8.81 -8.08 -4.95
C ALA A 190 -8.68 -9.29 -5.83
N ALA A 191 -7.64 -10.11 -5.56
CA ALA A 191 -7.46 -11.33 -6.34
C ALA A 191 -8.65 -12.29 -6.21
N GLU A 192 -9.15 -12.47 -4.99
CA GLU A 192 -10.34 -13.32 -4.74
C GLU A 192 -11.59 -12.72 -5.42
N ALA A 193 -11.78 -11.39 -5.32
CA ALA A 193 -12.86 -10.72 -6.05
C ALA A 193 -12.77 -10.94 -7.54
N LEU A 194 -11.55 -10.92 -8.09
CA LEU A 194 -11.37 -11.16 -9.54
C LEU A 194 -11.80 -12.56 -9.95
N LYS A 195 -11.70 -13.55 -9.06
CA LYS A 195 -12.25 -14.89 -9.38
C LYS A 195 -13.76 -14.80 -9.58
N ASP A 196 -14.43 -14.06 -8.70
CA ASP A 196 -15.87 -13.86 -8.73
C ASP A 196 -16.29 -13.11 -9.97
N ILE A 197 -15.58 -12.04 -10.27
CA ILE A 197 -15.83 -11.22 -11.43
C ILE A 197 -15.66 -11.99 -12.71
N ARG A 198 -14.59 -12.78 -12.79
CA ARG A 198 -14.30 -13.57 -14.00
CA ARG A 198 -14.31 -13.51 -14.02
C ARG A 198 -15.37 -14.62 -14.25
N ALA A 199 -15.85 -15.25 -13.16
CA ALA A 199 -16.92 -16.24 -13.26
C ALA A 199 -18.26 -15.61 -13.67
N PHE A 200 -18.58 -14.47 -13.06
CA PHE A 200 -19.72 -13.66 -13.47
C PHE A 200 -19.65 -13.33 -14.97
N ASN A 201 -18.51 -12.79 -15.38
CA ASN A 201 -18.34 -12.32 -16.75
C ASN A 201 -18.43 -13.44 -17.74
N LYS A 202 -17.88 -14.59 -17.40
CA LYS A 202 -17.92 -15.73 -18.31
C LYS A 202 -19.39 -16.13 -18.53
N ALA A 203 -20.15 -16.21 -17.45
CA ALA A 203 -21.56 -16.65 -17.52
C ALA A 203 -22.43 -15.63 -18.23
N VAL A 204 -22.21 -14.35 -17.94
CA VAL A 204 -23.06 -13.27 -18.43
C VAL A 204 -22.64 -12.76 -19.82
N PHE A 205 -21.34 -12.59 -20.05
CA PHE A 205 -20.85 -11.99 -21.28
C PHE A 205 -20.14 -13.00 -22.22
N GLY A 206 -19.91 -14.23 -21.75
CA GLY A 206 -19.17 -15.23 -22.52
C GLY A 206 -17.66 -14.99 -22.54
N ASN A 207 -17.14 -14.16 -21.64
CA ASN A 207 -15.74 -13.78 -21.70
C ASN A 207 -15.35 -13.30 -20.33
N GLU A 208 -14.40 -13.99 -19.73
CA GLU A 208 -13.94 -13.68 -18.39
C GLU A 208 -13.50 -12.22 -18.22
N ASN A 209 -13.01 -11.61 -19.31
CA ASN A 209 -12.47 -10.23 -19.31
C ASN A 209 -13.36 -9.16 -19.96
N ALA A 210 -14.66 -9.23 -19.72
CA ALA A 210 -15.60 -8.22 -20.21
C ALA A 210 -15.28 -6.79 -19.73
N VAL A 211 -15.40 -5.82 -20.64
CA VAL A 211 -15.28 -4.43 -20.27
C VAL A 211 -16.69 -3.94 -19.93
N TRP A 212 -16.98 -3.76 -18.65
CA TRP A 212 -18.29 -3.30 -18.23
C TRP A 212 -18.60 -1.88 -18.73
N THR A 213 -19.83 -1.67 -19.19
CA THR A 213 -20.31 -0.32 -19.54
C THR A 213 -21.28 0.27 -18.54
N ASN A 214 -21.88 -0.57 -17.68
CA ASN A 214 -22.94 -0.07 -16.81
C ASN A 214 -23.09 -0.86 -15.52
N GLU A 215 -21.94 -1.25 -14.96
CA GLU A 215 -21.86 -2.08 -13.77
C GLU A 215 -20.63 -1.66 -12.99
N ALA A 216 -20.64 -1.89 -11.68
CA ALA A 216 -19.52 -1.64 -10.84
C ALA A 216 -19.59 -2.56 -9.62
N VAL A 217 -18.43 -2.75 -8.98
CA VAL A 217 -18.33 -3.54 -7.77
C VAL A 217 -18.69 -2.70 -6.55
N ALA A 218 -19.75 -3.10 -5.86
CA ALA A 218 -20.11 -2.54 -4.53
C ALA A 218 -19.26 -3.22 -3.47
N PHE A 219 -18.73 -2.42 -2.54
CA PHE A 219 -18.00 -2.93 -1.43
C PHE A 219 -18.23 -2.07 -0.20
N HIS A 220 -17.90 -2.64 0.95
CA HIS A 220 -17.96 -2.01 2.26
C HIS A 220 -16.55 -1.88 2.83
N GLY A 221 -16.43 -1.15 3.93
CA GLY A 221 -15.13 -0.79 4.45
C GLY A 221 -14.66 -1.57 5.68
N TYR A 222 -15.25 -2.75 5.95
CA TYR A 222 -14.94 -3.44 7.22
C TYR A 222 -13.54 -4.06 7.33
N ALA A 223 -12.78 -4.10 6.23
CA ALA A 223 -11.36 -4.48 6.32
C ALA A 223 -10.48 -3.35 6.90
N GLY A 224 -11.05 -2.14 7.07
CA GLY A 224 -10.27 -0.99 7.55
C GLY A 224 -9.82 -0.17 6.37
N TRP A 225 -9.55 1.12 6.60
CA TRP A 225 -9.22 2.00 5.49
C TRP A 225 -8.02 1.60 4.67
N GLN A 226 -6.93 1.19 5.33
CA GLN A 226 -5.70 0.89 4.58
C GLN A 226 -5.86 -0.33 3.67
N GLU A 227 -6.36 -1.42 4.25
CA GLU A 227 -6.50 -2.63 3.43
C GLU A 227 -7.58 -2.49 2.40
N THR A 228 -8.67 -1.82 2.74
CA THR A 228 -9.71 -1.58 1.75
C THR A 228 -9.17 -0.74 0.57
N THR A 229 -8.41 0.30 0.84
CA THR A 229 -7.81 1.12 -0.21
C THR A 229 -6.88 0.31 -1.16
N ILE A 230 -6.05 -0.56 -0.59
CA ILE A 230 -5.18 -1.46 -1.37
C ILE A 230 -6.03 -2.29 -2.31
N ALA A 231 -7.07 -2.93 -1.77
CA ALA A 231 -7.98 -3.79 -2.58
C ALA A 231 -8.66 -3.00 -3.69
N VAL A 232 -9.18 -1.81 -3.38
CA VAL A 232 -9.75 -0.98 -4.44
C VAL A 232 -8.72 -0.61 -5.52
N GLU A 233 -7.55 -0.16 -5.12
CA GLU A 233 -6.53 0.19 -6.13
C GLU A 233 -6.22 -0.98 -7.09
N GLU A 234 -6.19 -2.19 -6.54
CA GLU A 234 -5.94 -3.40 -7.36
C GLU A 234 -7.06 -3.65 -8.36
N LEU A 235 -8.30 -3.53 -7.87
CA LEU A 235 -9.45 -3.77 -8.72
C LEU A 235 -9.52 -2.73 -9.83
N LEU A 236 -9.24 -1.46 -9.48
CA LEU A 236 -9.18 -0.37 -10.47
C LEU A 236 -8.12 -0.61 -11.54
N LYS A 237 -6.95 -1.09 -11.13
CA LYS A 237 -5.88 -1.45 -12.06
C LYS A 237 -6.30 -2.57 -12.99
N ALA A 238 -7.13 -3.48 -12.49
CA ALA A 238 -7.65 -4.59 -13.29
C ALA A 238 -8.77 -4.17 -14.26
N GLY A 239 -9.23 -2.94 -14.17
CA GLY A 239 -10.21 -2.42 -15.12
C GLY A 239 -11.65 -2.51 -14.65
N TYR A 240 -11.88 -2.79 -13.36
CA TYR A 240 -13.24 -2.88 -12.83
C TYR A 240 -13.57 -1.69 -11.92
N PRO A 241 -14.59 -0.89 -12.31
CA PRO A 241 -15.03 0.23 -11.49
C PRO A 241 -15.65 -0.26 -10.20
N CYS A 242 -15.60 0.59 -9.18
CA CYS A 242 -16.26 0.22 -7.94
CA CYS A 242 -16.04 0.29 -7.84
C CYS A 242 -16.97 1.42 -7.31
N PHE A 243 -17.65 1.14 -6.20
CA PHE A 243 -18.61 2.03 -5.60
C PHE A 243 -18.76 1.58 -4.16
N MET A 244 -18.41 2.45 -3.23
CA MET A 244 -18.55 2.13 -1.84
C MET A 244 -20.05 2.28 -1.45
N THR A 245 -20.64 1.25 -0.85
CA THR A 245 -22.05 1.36 -0.42
C THR A 245 -22.28 1.34 1.07
N SER A 246 -21.27 1.05 1.90
CA SER A 246 -21.56 1.09 3.34
C SER A 246 -20.30 0.93 4.14
N TYR A 247 -20.08 1.92 4.97
CA TYR A 247 -18.91 1.99 5.82
CA TYR A 247 -19.00 1.88 5.94
C TYR A 247 -19.22 3.02 6.90
N ALA A 248 -18.50 2.95 8.01
CA ALA A 248 -18.59 3.83 9.13
C ALA A 248 -17.29 3.68 9.93
N GLY A 249 -16.84 4.78 10.54
CA GLY A 249 -15.57 4.82 11.28
C GLY A 249 -15.75 4.46 12.74
N GLY A 258 -19.81 6.97 13.12
CA GLY A 258 -19.70 8.15 12.24
C GLY A 258 -18.97 7.87 10.92
N LEU A 259 -18.87 8.91 10.09
CA LEU A 259 -18.08 8.86 8.89
C LEU A 259 -16.67 8.28 9.13
N ASP A 260 -16.25 7.33 8.29
CA ASP A 260 -14.84 6.90 8.23
C ASP A 260 -14.09 7.93 7.35
N VAL A 261 -13.52 8.94 7.98
CA VAL A 261 -12.85 10.03 7.26
C VAL A 261 -11.65 9.53 6.42
N GLU A 262 -10.89 8.61 6.97
CA GLU A 262 -9.70 8.09 6.29
C GLU A 262 -10.03 7.41 4.97
N LEU A 263 -11.01 6.51 5.00
CA LEU A 263 -11.40 5.81 3.78
C LEU A 263 -12.04 6.78 2.81
N THR A 264 -12.82 7.73 3.31
CA THR A 264 -13.45 8.74 2.46
C THR A 264 -12.38 9.52 1.73
N TYR A 265 -11.33 9.93 2.45
CA TYR A 265 -10.23 10.65 1.82
C TYR A 265 -9.62 9.84 0.67
N GLU A 266 -9.42 8.56 0.91
CA GLU A 266 -8.80 7.73 -0.11
C GLU A 266 -9.74 7.55 -1.33
N LEU A 267 -11.04 7.37 -1.04
CA LEU A 267 -12.01 7.24 -2.15
C LEU A 267 -12.12 8.51 -2.97
N GLU A 268 -12.04 9.69 -2.32
CA GLU A 268 -12.01 10.96 -3.03
C GLU A 268 -10.78 11.04 -3.95
N ARG A 269 -9.61 10.66 -3.44
CA ARG A 269 -8.40 10.63 -4.24
C ARG A 269 -8.51 9.68 -5.47
N LEU A 270 -9.07 8.48 -5.25
CA LEU A 270 -9.21 7.47 -6.29
C LEU A 270 -10.36 7.69 -7.28
N GLY A 271 -11.31 8.57 -6.97
CA GLY A 271 -12.45 8.83 -7.86
C GLY A 271 -13.48 7.73 -7.73
N VAL A 272 -13.88 7.47 -6.50
CA VAL A 272 -14.84 6.41 -6.19
C VAL A 272 -16.03 6.97 -5.41
N SER A 273 -17.24 6.72 -5.89
CA SER A 273 -18.47 7.20 -5.23
C SER A 273 -18.68 6.43 -3.92
N TRP A 274 -19.43 7.01 -3.00
CA TRP A 274 -19.60 6.41 -1.69
C TRP A 274 -20.92 6.75 -1.03
N LEU A 275 -21.43 5.76 -0.32
CA LEU A 275 -22.59 5.94 0.57
C LEU A 275 -22.14 5.55 1.98
N THR A 276 -22.39 6.46 2.92
CA THR A 276 -21.95 6.29 4.30
C THR A 276 -23.11 5.81 5.20
N PHE A 277 -22.77 5.04 6.23
CA PHE A 277 -23.78 4.37 7.10
C PHE A 277 -24.18 5.19 8.30
N GLN A 278 -24.66 6.39 8.00
CA GLN A 278 -25.41 7.24 8.92
C GLN A 278 -26.77 7.53 8.29
N TYR A 279 -27.80 7.59 9.13
CA TYR A 279 -29.18 7.51 8.63
C TYR A 279 -29.89 8.87 8.47
N ILE A 280 -30.85 8.92 7.56
CA ILE A 280 -31.74 10.06 7.43
C ILE A 280 -32.77 10.00 8.55
N PRO A 281 -32.90 11.08 9.35
CA PRO A 281 -33.91 11.02 10.42
C PRO A 281 -35.32 10.74 9.86
N PRO A 282 -36.25 10.14 10.63
CA PRO A 282 -36.18 9.97 12.08
C PRO A 282 -35.42 8.78 12.61
N THR A 283 -35.21 7.75 11.80
CA THR A 283 -34.82 6.45 12.38
C THR A 283 -33.87 5.66 11.51
N GLY A 284 -33.03 4.88 12.17
CA GLY A 284 -32.18 3.90 11.53
C GLY A 284 -31.39 3.16 12.60
N VAL A 285 -30.65 2.14 12.17
CA VAL A 285 -29.98 1.24 13.10
C VAL A 285 -28.64 1.74 13.61
N SER A 286 -28.08 2.77 13.00
CA SER A 286 -26.76 3.28 13.42
C SER A 286 -26.87 4.69 14.05
N ASP A 287 -26.38 5.71 13.37
CA ASP A 287 -26.23 7.09 13.89
C ASP A 287 -26.79 8.10 12.87
N ASP A 288 -27.44 9.15 13.36
CA ASP A 288 -28.16 10.14 12.56
C ASP A 288 -27.13 11.01 11.83
N VAL A 289 -27.21 11.03 10.49
CA VAL A 289 -26.28 11.83 9.63
C VAL A 289 -26.39 13.35 9.84
N THR A 290 -27.52 13.83 10.35
CA THR A 290 -27.70 15.29 10.65
C THR A 290 -27.10 15.76 11.99
N LYS A 291 -26.72 14.84 12.87
CA LYS A 291 -26.05 15.19 14.12
C LYS A 291 -24.58 15.43 13.80
N PRO A 292 -24.06 16.64 14.09
CA PRO A 292 -22.71 16.97 13.64
C PRO A 292 -21.64 15.95 14.02
N GLU A 293 -21.77 15.34 15.19
CA GLU A 293 -20.73 14.49 15.74
C GLU A 293 -20.50 13.24 14.89
N TYR A 294 -21.50 12.85 14.10
CA TYR A 294 -21.42 11.69 13.21
C TYR A 294 -21.13 11.97 11.74
N PHE A 295 -21.13 13.23 11.33
CA PHE A 295 -20.77 13.55 9.94
C PHE A 295 -20.17 14.95 9.71
N SER A 296 -20.96 16.01 9.83
CA SER A 296 -20.51 17.35 9.46
C SER A 296 -19.29 17.85 10.24
N ALA A 297 -19.22 17.54 11.53
CA ALA A 297 -18.07 17.97 12.31
C ALA A 297 -16.83 17.18 11.93
N LEU A 298 -17.00 15.91 11.58
CA LEU A 298 -15.88 15.09 11.16
C LEU A 298 -15.29 15.61 9.86
N VAL A 299 -16.14 16.02 8.92
CA VAL A 299 -15.70 16.60 7.65
C VAL A 299 -15.01 17.94 7.91
N GLU A 300 -15.65 18.79 8.72
CA GLU A 300 -15.08 20.10 9.04
C GLU A 300 -13.74 19.99 9.71
N ASN A 301 -13.64 19.12 10.71
CA ASN A 301 -12.43 19.02 11.52
C ASN A 301 -11.24 18.47 10.73
N SER A 302 -11.54 17.62 9.75
CA SER A 302 -10.51 16.87 9.01
C SER A 302 -9.92 17.70 7.86
N GLY A 303 -10.71 18.61 7.29
CA GLY A 303 -10.32 19.33 6.12
C GLY A 303 -10.74 18.66 4.82
N LEU A 304 -11.53 17.60 4.92
CA LEU A 304 -12.10 16.93 3.74
C LEU A 304 -12.92 17.94 2.91
N SER A 305 -12.78 17.90 1.58
CA SER A 305 -13.53 18.82 0.73
C SER A 305 -13.88 18.10 -0.54
N TRP A 306 -15.05 18.45 -1.08
CA TRP A 306 -15.47 18.08 -2.44
C TRP A 306 -16.43 19.15 -2.88
N THR A 307 -16.67 19.24 -4.19
CA THR A 307 -17.67 20.16 -4.71
C THR A 307 -19.05 19.50 -4.59
N PRO A 308 -19.96 20.10 -3.79
CA PRO A 308 -21.32 19.53 -3.66
C PRO A 308 -22.21 19.89 -4.85
N ASP A 309 -23.19 19.04 -5.13
CA ASP A 309 -24.20 19.36 -6.12
C ASP A 309 -25.11 20.51 -5.68
N TYR A 310 -25.34 20.65 -4.37
CA TYR A 310 -26.24 21.67 -3.84
C TYR A 310 -25.57 22.42 -2.70
N GLY A 311 -25.93 23.69 -2.50
CA GLY A 311 -25.40 24.48 -1.36
C GLY A 311 -23.94 24.84 -1.48
N ASN A 312 -23.37 25.31 -0.38
CA ASN A 312 -21.99 25.83 -0.37
C ASN A 312 -21.10 25.03 0.63
N TRP A 313 -21.53 23.83 1.02
CA TRP A 313 -20.82 23.05 2.04
C TRP A 313 -20.58 21.62 1.53
N PRO A 314 -19.40 21.04 1.69
CA PRO A 314 -18.20 21.65 2.32
C PRO A 314 -17.62 22.80 1.52
N ALA A 315 -16.87 23.68 2.19
CA ALA A 315 -16.15 24.73 1.49
C ALA A 315 -15.13 24.14 0.51
N ALA A 316 -14.91 24.83 -0.61
CA ALA A 316 -13.81 24.50 -1.51
C ALA A 316 -12.48 24.89 -0.84
N ARG A 317 -11.65 23.89 -0.61
CA ARG A 317 -10.38 24.10 0.06
C ARG A 317 -9.49 22.89 -0.20
N GLY A 318 -8.21 23.05 0.09
CA GLY A 318 -7.32 21.90 0.11
C GLY A 318 -5.90 22.28 0.45
N VAL A 319 -5.02 21.29 0.30
CA VAL A 319 -3.63 21.41 0.68
C VAL A 319 -2.88 22.20 -0.37
N TYR A 320 -2.01 23.10 0.08
CA TYR A 320 -1.13 23.88 -0.79
C TYR A 320 0.18 23.17 -0.92
N GLY A 321 0.57 22.87 -2.14
CA GLY A 321 1.75 22.03 -2.37
C GLY A 321 1.52 20.56 -2.09
N ASN A 322 2.63 19.83 -2.00
CA ASN A 322 2.63 18.40 -1.73
C ASN A 322 1.66 17.59 -2.61
N GLY A 323 1.53 17.99 -3.88
CA GLY A 323 0.57 17.39 -4.81
C GLY A 323 -0.92 17.50 -4.44
N GLY A 324 -1.27 18.47 -3.61
CA GLY A 324 -2.63 18.57 -3.09
C GLY A 324 -3.02 17.45 -2.12
N LEU A 325 -2.07 16.66 -1.65
CA LEU A 325 -2.34 15.62 -0.63
C LEU A 325 -1.97 16.05 0.80
N ALA A 326 -2.70 15.54 1.81
CA ALA A 326 -2.42 15.87 3.22
C ALA A 326 -0.95 15.57 3.58
N ARG A 327 -0.29 16.51 4.27
CA ARG A 327 1.07 16.29 4.72
C ARG A 327 1.08 15.27 5.83
N GLU A 328 1.80 14.17 5.61
CA GLU A 328 1.75 13.03 6.53
C GLU A 328 2.88 13.06 7.53
N THR A 329 2.60 12.65 8.75
CA THR A 329 3.66 12.42 9.71
C THR A 329 4.33 11.08 9.43
N ALA A 330 5.48 10.87 10.05
CA ALA A 330 6.26 9.66 9.87
C ALA A 330 5.46 8.38 10.12
N GLY A 339 11.60 10.75 13.11
CA GLY A 339 10.99 11.30 11.88
C GLY A 339 10.25 12.62 12.07
N THR A 340 10.75 13.70 11.47
CA THR A 340 10.17 15.02 11.65
C THR A 340 9.39 15.41 10.40
N THR A 341 8.25 16.05 10.60
CA THR A 341 7.46 16.58 9.50
C THR A 341 7.45 18.10 9.58
N ARG A 342 7.93 18.74 8.51
CA ARG A 342 7.94 20.20 8.43
CA ARG A 342 7.99 20.19 8.35
C ARG A 342 6.78 20.68 7.57
N ILE A 343 6.10 21.69 8.11
CA ILE A 343 5.06 22.41 7.39
C ILE A 343 5.46 23.87 7.37
N GLU A 344 5.69 24.41 6.17
CA GLU A 344 6.07 25.81 6.06
C GLU A 344 4.86 26.69 6.36
N ALA A 345 5.06 27.78 7.09
CA ALA A 345 3.95 28.62 7.51
C ALA A 345 3.24 29.19 6.27
N GLU A 346 4.04 29.43 5.22
CA GLU A 346 3.55 30.00 3.97
C GLU A 346 2.78 29.00 3.08
N ASP A 347 2.68 27.72 3.50
CA ASP A 347 1.95 26.68 2.75
C ASP A 347 0.64 26.35 3.39
N PHE A 348 -0.02 27.36 3.98
CA PHE A 348 -1.36 27.23 4.50
C PHE A 348 -2.33 26.76 3.40
N ASP A 349 -3.38 26.06 3.81
CA ASP A 349 -4.37 25.54 2.85
C ASP A 349 -4.93 26.65 1.96
N TRP A 350 -5.23 26.30 0.72
CA TRP A 350 -5.98 27.21 -0.15
C TRP A 350 -7.46 27.09 0.21
N GLY A 351 -8.24 28.14 -0.12
CA GLY A 351 -9.67 28.20 0.22
C GLY A 351 -10.14 29.61 0.42
N GLY A 352 -9.24 30.41 1.01
CA GLY A 352 -9.41 31.86 1.05
C GLY A 352 -9.72 32.40 2.42
N ASN A 353 -9.85 33.71 2.48
CA ASN A 353 -10.06 34.44 3.72
C ASN A 353 -11.39 34.03 4.36
N GLY A 354 -11.33 33.74 5.65
CA GLY A 354 -12.47 33.18 6.41
C GLY A 354 -12.72 31.70 6.20
N VAL A 355 -11.90 31.03 5.38
CA VAL A 355 -12.07 29.62 5.07
C VAL A 355 -10.85 28.82 5.50
N SER A 356 -9.71 29.10 4.87
CA SER A 356 -8.46 28.39 5.15
C SER A 356 -7.44 29.26 5.96
N TYR A 357 -7.70 30.56 5.98
CA TYR A 357 -6.99 31.49 6.86
C TYR A 357 -7.91 32.66 7.13
N TYR A 358 -7.53 33.50 8.07
CA TYR A 358 -8.10 34.80 8.23
C TYR A 358 -6.95 35.79 8.35
N ASP A 359 -6.90 36.73 7.41
CA ASP A 359 -6.02 37.86 7.50
C ASP A 359 -6.79 39.17 7.58
N THR A 360 -6.29 40.10 8.37
CA THR A 360 -7.02 41.37 8.62
C THR A 360 -7.06 42.32 7.44
N ASP A 361 -6.16 42.17 6.49
CA ASP A 361 -6.20 42.92 5.23
C ASP A 361 -5.98 41.98 4.06
N SER A 362 -6.71 42.19 2.96
CA SER A 362 -6.65 41.26 1.85
C SER A 362 -5.37 41.42 1.03
N VAL A 363 -4.71 42.56 1.11
CA VAL A 363 -3.37 42.67 0.50
C VAL A 363 -2.38 41.72 1.21
N ASN A 364 -1.46 41.14 0.45
CA ASN A 364 -0.30 40.48 1.02
C ASN A 364 0.79 41.56 1.15
N VAL A 365 0.98 42.10 2.34
CA VAL A 365 1.82 43.33 2.48
C VAL A 365 3.30 43.06 2.13
N GLY A 366 3.80 41.87 2.47
CA GLY A 366 5.14 41.47 2.07
C GLY A 366 5.29 41.23 0.58
N GLY A 367 4.19 40.89 -0.10
CA GLY A 367 4.19 40.67 -1.55
C GLY A 367 4.70 39.33 -2.08
N GLN A 368 5.19 38.46 -1.21
CA GLN A 368 5.95 37.28 -1.66
C GLN A 368 5.13 36.00 -1.74
N TYR A 369 5.58 35.11 -2.62
CA TYR A 369 5.18 33.70 -2.66
C TYR A 369 3.76 33.46 -3.11
N ARG A 370 2.79 34.03 -2.39
CA ARG A 370 1.37 33.97 -2.75
C ARG A 370 0.78 35.38 -2.74
N PRO A 371 1.05 36.16 -3.81
CA PRO A 371 0.62 37.55 -3.80
C PRO A 371 -0.89 37.74 -3.94
N ASP A 372 -1.61 36.71 -4.37
CA ASP A 372 -3.04 36.86 -4.60
C ASP A 372 -3.91 36.33 -3.46
N GLU A 373 -3.28 36.02 -2.33
CA GLU A 373 -4.00 35.73 -1.08
CA GLU A 373 -3.98 35.69 -1.07
C GLU A 373 -3.60 36.72 0.01
N GLY A 374 -4.35 36.74 1.09
CA GLY A 374 -4.25 37.79 2.08
C GLY A 374 -3.19 37.64 3.15
N VAL A 375 -2.63 36.44 3.28
CA VAL A 375 -1.62 36.23 4.30
C VAL A 375 -0.38 37.06 3.93
N ASP A 376 0.24 37.68 4.92
CA ASP A 376 1.38 38.57 4.66
C ASP A 376 2.66 37.76 4.73
N ILE A 377 3.36 37.72 3.59
CA ILE A 377 4.49 36.87 3.39
C ILE A 377 5.70 37.64 2.84
N GLU A 378 6.84 37.40 3.46
CA GLU A 378 8.14 38.02 3.12
C GLU A 378 9.24 36.95 3.02
N LYS A 379 10.31 37.29 2.30
CA LYS A 379 11.53 36.47 2.34
C LYS A 379 12.09 36.47 3.75
N THR A 380 12.64 35.33 4.18
CA THR A 380 13.23 35.25 5.53
C THR A 380 14.72 35.08 5.40
N SER A 381 15.44 35.62 6.39
CA SER A 381 16.87 35.40 6.50
C SER A 381 17.20 34.22 7.41
N ASP A 382 16.17 33.52 7.93
CA ASP A 382 16.39 32.36 8.78
C ASP A 382 17.16 31.27 8.01
N THR A 383 17.77 30.38 8.76
CA THR A 383 18.42 29.18 8.22
C THR A 383 17.44 28.41 7.30
N GLY A 384 17.89 28.09 6.09
CA GLY A 384 17.10 27.44 5.08
C GLY A 384 16.45 28.42 4.12
N GLY A 385 16.46 29.71 4.42
CA GLY A 385 15.86 30.70 3.52
C GLY A 385 14.37 30.49 3.30
N GLY A 386 13.93 30.80 2.09
CA GLY A 386 12.51 30.75 1.77
C GLY A 386 11.75 31.92 2.34
N TYR A 387 10.61 31.68 3.01
CA TYR A 387 9.68 32.72 3.39
C TYR A 387 9.19 32.60 4.82
N ASN A 388 8.75 33.70 5.41
CA ASN A 388 8.03 33.63 6.67
C ASN A 388 6.73 34.43 6.52
N VAL A 389 5.74 34.01 7.29
CA VAL A 389 4.58 34.79 7.49
C VAL A 389 4.92 35.89 8.51
N GLY A 390 4.51 37.10 8.18
CA GLY A 390 4.77 38.28 8.97
C GLY A 390 3.50 39.09 9.09
N TRP A 391 3.61 40.25 9.72
CA TRP A 391 2.41 41.11 9.97
C TRP A 391 1.24 40.27 10.48
N ILE A 392 1.51 39.49 11.51
CA ILE A 392 0.51 38.64 12.12
C ILE A 392 -0.15 39.51 13.16
N SER A 393 -1.45 39.69 13.00
CA SER A 393 -2.27 40.52 13.87
C SER A 393 -3.19 39.69 14.75
N GLU A 394 -3.52 40.25 15.90
CA GLU A 394 -4.41 39.62 16.85
C GLU A 394 -5.69 39.15 16.15
N GLY A 395 -6.07 37.88 16.40
CA GLY A 395 -7.25 37.26 15.80
C GLY A 395 -7.04 36.51 14.49
N GLU A 396 -5.90 36.74 13.85
CA GLU A 396 -5.59 36.02 12.64
C GLU A 396 -5.44 34.51 12.91
N TRP A 397 -5.65 33.74 11.86
CA TRP A 397 -5.42 32.30 11.91
C TRP A 397 -5.06 31.72 10.55
N LEU A 398 -4.40 30.56 10.60
CA LEU A 398 -3.86 29.84 9.46
C LEU A 398 -4.12 28.36 9.67
N GLU A 399 -4.62 27.70 8.65
CA GLU A 399 -4.93 26.26 8.69
C GLU A 399 -4.08 25.45 7.71
N TYR A 400 -3.73 24.24 8.12
CA TYR A 400 -2.84 23.32 7.37
C TYR A 400 -3.44 21.93 7.49
N THR A 401 -3.84 21.33 6.38
CA THR A 401 -4.39 19.96 6.45
C THR A 401 -3.24 18.90 6.47
N ILE A 402 -3.25 18.12 7.55
CA ILE A 402 -2.24 17.06 7.81
C ILE A 402 -2.91 15.70 8.07
N ARG A 403 -2.08 14.68 8.15
CA ARG A 403 -2.54 13.34 8.42
C ARG A 403 -1.60 12.68 9.38
N VAL A 404 -2.10 12.36 10.57
CA VAL A 404 -1.30 11.74 11.61
C VAL A 404 -1.54 10.23 11.55
N ARG A 405 -0.54 9.44 11.14
CA ARG A 405 -0.73 7.96 11.08
C ARG A 405 -0.82 7.34 12.48
N ASN A 406 0.05 7.78 13.39
CA ASN A 406 0.14 7.12 14.68
C ASN A 406 -0.31 8.07 15.79
N PRO A 407 -1.34 7.69 16.55
CA PRO A 407 -1.77 8.55 17.66
C PRO A 407 -0.74 8.56 18.80
N GLY A 408 -0.67 9.66 19.54
CA GLY A 408 0.35 9.75 20.58
C GLY A 408 0.83 11.16 20.84
N TYR A 409 1.87 11.25 21.65
CA TYR A 409 2.46 12.54 21.99
C TYR A 409 3.48 12.94 20.94
N TYR A 410 3.41 14.19 20.48
CA TYR A 410 4.34 14.78 19.55
C TYR A 410 4.92 16.05 20.12
N ASN A 411 6.15 16.35 19.72
CA ASN A 411 6.69 17.70 19.88
C ASN A 411 6.18 18.55 18.73
N LEU A 412 5.45 19.58 19.10
CA LEU A 412 5.01 20.62 18.18
C LEU A 412 5.98 21.79 18.31
N SER A 413 6.64 22.14 17.19
CA SER A 413 7.63 23.23 17.18
C SER A 413 7.19 24.35 16.25
N LEU A 414 7.30 25.58 16.75
CA LEU A 414 7.04 26.78 15.96
C LEU A 414 8.33 27.56 15.85
N ARG A 415 8.66 27.92 14.62
CA ARG A 415 9.88 28.68 14.37
C ARG A 415 9.44 30.11 14.26
N VAL A 416 9.78 30.91 15.28
CA VAL A 416 9.22 32.24 15.50
C VAL A 416 10.26 33.33 15.77
N ALA A 417 9.81 34.57 15.57
CA ALA A 417 10.59 35.80 15.85
C ALA A 417 9.65 36.92 16.29
N GLY A 418 10.13 37.81 17.14
CA GLY A 418 9.33 38.95 17.57
C GLY A 418 10.18 39.87 18.41
N ILE A 419 9.86 41.16 18.32
CA ILE A 419 10.49 42.17 19.17
C ILE A 419 9.98 42.00 20.60
N SER A 420 8.67 41.79 20.76
CA SER A 420 8.13 41.56 22.09
C SER A 420 7.52 40.19 22.14
N GLY A 421 7.13 39.81 23.35
CA GLY A 421 6.49 38.57 23.60
C GLY A 421 5.15 38.53 22.93
N SER A 422 4.66 37.32 22.72
CA SER A 422 3.41 37.13 22.00
C SER A 422 2.70 35.87 22.51
N ARG A 423 1.47 35.67 22.08
CA ARG A 423 0.65 34.53 22.51
C ARG A 423 0.03 33.85 21.30
N VAL A 424 0.11 32.53 21.28
CA VAL A 424 -0.47 31.70 20.20
C VAL A 424 -1.26 30.57 20.87
N GLN A 425 -2.14 29.93 20.13
CA GLN A 425 -2.78 28.71 20.58
C GLN A 425 -2.97 27.86 19.33
N VAL A 426 -2.78 26.56 19.44
CA VAL A 426 -2.84 25.70 18.27
C VAL A 426 -3.88 24.61 18.48
N SER A 427 -4.78 24.51 17.52
CA SER A 427 -5.78 23.46 17.53
C SER A 427 -5.47 22.41 16.44
N PHE A 428 -5.99 21.20 16.66
CA PHE A 428 -5.89 20.09 15.73
C PHE A 428 -7.28 19.51 15.61
N GLY A 429 -7.84 19.55 14.41
CA GLY A 429 -9.21 19.08 14.24
C GLY A 429 -10.21 19.89 15.06
N ASN A 430 -9.94 21.19 15.21
CA ASN A 430 -10.75 22.09 16.03
C ASN A 430 -10.81 21.75 17.53
N GLN A 431 -9.82 20.99 18.00
CA GLN A 431 -9.62 20.72 19.42
C GLN A 431 -8.37 21.44 19.86
N ASP A 432 -8.46 22.25 20.93
CA ASP A 432 -7.29 22.95 21.48
C ASP A 432 -6.31 21.96 22.08
N LYS A 433 -5.08 21.91 21.55
CA LYS A 433 -4.06 20.98 22.04
C LYS A 433 -2.94 21.66 22.87
N THR A 434 -2.93 23.00 22.93
CA THR A 434 -1.84 23.70 23.58
C THR A 434 -2.23 24.58 24.78
N GLY A 435 -3.49 25.04 24.82
CA GLY A 435 -3.86 26.18 25.64
C GLY A 435 -3.13 27.42 25.18
N VAL A 436 -3.10 28.45 26.04
CA VAL A 436 -2.35 29.66 25.72
C VAL A 436 -0.85 29.28 25.73
N TRP A 437 -0.17 29.66 24.68
CA TRP A 437 1.26 29.37 24.53
C TRP A 437 1.96 30.71 24.38
N GLU A 438 2.71 31.07 25.42
CA GLU A 438 3.46 32.29 25.47
C GLU A 438 4.75 32.12 24.68
N LEU A 439 4.92 32.94 23.63
CA LEU A 439 6.10 32.89 22.80
C LEU A 439 7.09 33.96 23.27
N PRO A 440 8.34 33.58 23.49
CA PRO A 440 9.35 34.58 23.88
C PRO A 440 9.65 35.70 22.85
N ALA A 441 9.93 36.89 23.36
CA ALA A 441 10.58 37.93 22.54
C ALA A 441 11.98 37.44 22.17
N THR A 442 12.35 37.65 20.91
CA THR A 442 13.67 37.28 20.42
C THR A 442 14.54 38.53 20.17
N GLY A 443 13.94 39.72 20.24
CA GLY A 443 14.63 41.00 20.02
C GLY A 443 14.67 41.48 18.57
N GLY A 444 14.11 40.72 17.63
CA GLY A 444 14.13 41.12 16.23
C GLY A 444 13.21 40.26 15.37
N PHE A 445 12.63 40.89 14.35
CA PHE A 445 11.72 40.19 13.47
C PHE A 445 12.37 39.17 12.55
N GLN A 446 13.69 39.19 12.42
CA GLN A 446 14.42 38.09 11.78
C GLN A 446 15.45 37.51 12.72
N THR A 447 15.17 37.54 14.02
CA THR A 447 15.98 36.84 15.00
C THR A 447 15.12 35.69 15.49
N TRP A 448 15.50 34.47 15.12
CA TRP A 448 14.59 33.31 15.17
C TRP A 448 14.94 32.33 16.27
N THR A 449 13.91 31.73 16.85
CA THR A 449 14.02 30.74 17.88
C THR A 449 12.97 29.66 17.64
N THR A 450 13.23 28.47 18.15
CA THR A 450 12.23 27.38 18.06
C THR A 450 11.54 27.20 19.40
N ALA A 451 10.22 27.41 19.44
CA ALA A 451 9.39 27.12 20.61
C ALA A 451 8.81 25.74 20.44
N THR A 452 8.81 24.95 21.51
CA THR A 452 8.30 23.59 21.44
C THR A 452 7.37 23.31 22.61
N ARG A 453 6.34 22.52 22.33
CA ARG A 453 5.37 22.07 23.36
C ARG A 453 4.93 20.69 22.96
N GLN A 454 4.76 19.81 23.92
CA GLN A 454 4.21 18.49 23.66
C GLN A 454 2.69 18.59 23.48
N VAL A 455 2.18 17.86 22.50
CA VAL A 455 0.76 17.75 22.27
C VAL A 455 0.35 16.31 22.06
N PHE A 456 -0.86 15.97 22.49
CA PHE A 456 -1.40 14.64 22.22
C PHE A 456 -2.26 14.72 20.97
N LEU A 457 -1.91 13.94 19.96
CA LEU A 457 -2.67 13.94 18.71
C LEU A 457 -3.32 12.61 18.50
N GLY A 458 -4.60 12.68 18.12
CA GLY A 458 -5.33 11.53 17.62
C GLY A 458 -4.94 11.21 16.19
N ALA A 459 -5.22 9.98 15.77
CA ALA A 459 -4.89 9.51 14.42
C ALA A 459 -5.82 10.16 13.39
N GLY A 460 -5.31 10.36 12.19
CA GLY A 460 -6.17 10.71 11.04
C GLY A 460 -5.93 12.05 10.38
N LEU A 461 -6.73 12.28 9.35
CA LEU A 461 -6.78 13.52 8.63
C LEU A 461 -7.31 14.61 9.58
N GLN A 462 -6.57 15.71 9.70
CA GLN A 462 -6.97 16.77 10.63
C GLN A 462 -6.35 18.11 10.27
N LYS A 463 -7.07 19.18 10.57
CA LYS A 463 -6.52 20.50 10.26
C LYS A 463 -5.73 21.01 11.48
N LEU A 464 -4.51 21.43 11.22
CA LEU A 464 -3.70 22.14 12.22
C LEU A 464 -4.01 23.62 12.09
N ARG A 465 -4.53 24.24 13.15
CA ARG A 465 -4.86 25.66 13.10
C ARG A 465 -4.02 26.50 14.07
N ILE A 466 -3.23 27.42 13.53
CA ILE A 466 -2.50 28.45 14.32
C ILE A 466 -3.45 29.60 14.60
N ASN A 467 -3.72 29.88 15.88
CA ASN A 467 -4.57 31.02 16.30
C ASN A 467 -3.70 32.10 16.95
N ALA A 468 -3.64 33.29 16.35
CA ALA A 468 -2.81 34.41 16.87
C ALA A 468 -3.60 35.11 17.97
N LEU A 469 -3.30 34.79 19.22
CA LEU A 469 -4.05 35.39 20.34
C LEU A 469 -3.62 36.85 20.54
N SER A 470 -2.33 37.12 20.31
CA SER A 470 -1.83 38.47 20.10
C SER A 470 -1.24 38.48 18.72
N GLY A 471 -0.88 39.67 18.27
CA GLY A 471 0.02 39.82 17.12
C GLY A 471 1.45 39.93 17.61
N GLY A 472 2.30 40.42 16.71
CA GLY A 472 3.68 40.80 17.03
C GLY A 472 4.72 39.70 16.90
N PHE A 473 4.37 38.58 16.28
CA PHE A 473 5.37 37.54 16.00
C PHE A 473 5.35 37.17 14.53
N ASN A 474 6.46 36.62 14.06
CA ASN A 474 6.59 36.05 12.72
C ASN A 474 6.68 34.55 12.88
N LEU A 475 6.26 33.85 11.83
CA LEU A 475 6.24 32.39 11.84
C LEU A 475 6.86 31.87 10.54
N ASN A 476 7.93 31.08 10.68
CA ASN A 476 8.64 30.56 9.51
C ASN A 476 8.07 29.19 9.07
N TRP A 477 7.94 28.33 10.06
CA TRP A 477 7.47 26.96 9.87
C TRP A 477 7.02 26.34 11.17
N ILE A 478 6.44 25.16 11.01
CA ILE A 478 5.84 24.33 12.04
C ILE A 478 6.47 22.95 11.89
N GLU A 479 6.82 22.29 12.99
CA GLU A 479 7.29 20.89 12.95
C GLU A 479 6.56 20.00 13.91
N LEU A 480 6.42 18.76 13.51
CA LEU A 480 5.85 17.70 14.34
C LEU A 480 6.83 16.51 14.36
N SER A 481 7.06 15.93 15.54
CA SER A 481 7.77 14.65 15.64
C SER A 481 7.36 13.92 16.91
N PRO A 482 7.37 12.59 16.86
CA PRO A 482 6.94 11.81 18.05
C PRO A 482 7.91 12.08 19.20
N ILE A 483 7.45 12.09 20.44
CA ILE A 483 8.38 12.37 21.57
C ILE A 483 9.38 11.23 21.77
N SER B 4 38.59 -12.03 -20.58
CA SER B 4 38.31 -10.97 -19.54
C SER B 4 37.00 -11.30 -18.78
N PRO B 5 37.12 -11.72 -17.50
CA PRO B 5 35.91 -11.91 -16.75
C PRO B 5 35.30 -10.60 -16.24
N GLN B 6 35.96 -9.46 -16.43
CA GLN B 6 35.48 -8.20 -15.81
C GLN B 6 34.09 -7.81 -16.32
N ARG B 7 33.18 -7.52 -15.40
CA ARG B 7 31.80 -7.21 -15.83
C ARG B 7 31.71 -5.83 -16.53
N GLY B 8 30.82 -5.72 -17.49
CA GLY B 8 30.56 -4.46 -18.17
C GLY B 8 29.79 -3.51 -17.27
N ARG B 9 29.85 -2.23 -17.63
CA ARG B 9 29.19 -1.16 -16.88
C ARG B 9 27.72 -1.49 -16.56
N PRO B 10 27.30 -1.36 -15.31
CA PRO B 10 25.88 -1.36 -15.03
C PRO B 10 25.21 -0.19 -15.73
N ARG B 11 23.94 -0.34 -16.03
CA ARG B 11 23.16 0.74 -16.67
C ARG B 11 21.75 0.67 -16.15
N LEU B 12 21.03 1.78 -16.25
CA LEU B 12 19.61 1.80 -15.88
C LEU B 12 18.86 0.91 -16.85
N ASN B 13 17.93 0.13 -16.32
CA ASN B 13 17.06 -0.68 -17.17
C ASN B 13 16.09 0.22 -17.95
N ALA B 14 15.49 -0.33 -18.98
CA ALA B 14 14.54 0.42 -19.82
C ALA B 14 13.36 0.97 -19.00
N ALA B 15 12.91 0.21 -18.00
CA ALA B 15 11.87 0.66 -17.09
C ALA B 15 12.32 1.76 -16.11
N ARG B 16 13.64 2.01 -16.04
CA ARG B 16 14.24 3.00 -15.14
C ARG B 16 13.80 2.80 -13.69
N THR B 17 13.81 1.54 -13.25
CA THR B 17 13.55 1.21 -11.87
C THR B 17 14.86 1.05 -11.07
N THR B 18 15.95 0.62 -11.71
CA THR B 18 17.21 0.32 -10.99
C THR B 18 18.40 0.20 -11.92
N PHE B 19 19.57 -0.05 -11.35
CA PHE B 19 20.74 -0.45 -12.14
C PHE B 19 20.73 -1.94 -12.37
N VAL B 20 20.92 -2.33 -13.62
CA VAL B 20 21.14 -3.73 -14.00
C VAL B 20 22.51 -3.91 -14.61
N GLY B 21 22.96 -5.16 -14.63
CA GLY B 21 24.29 -5.47 -15.11
C GLY B 21 24.33 -5.64 -16.62
N ASP B 22 25.46 -6.18 -17.05
CA ASP B 22 25.77 -6.33 -18.48
C ASP B 22 24.88 -7.39 -19.18
N ASN B 23 24.13 -8.16 -18.40
CA ASN B 23 23.17 -9.13 -18.94
C ASN B 23 21.69 -8.75 -18.67
N GLY B 24 21.45 -7.51 -18.27
CA GLY B 24 20.11 -7.04 -17.99
C GLY B 24 19.52 -7.44 -16.65
N GLN B 25 20.31 -8.11 -15.78
CA GLN B 25 19.79 -8.67 -14.53
CA GLN B 25 19.79 -8.65 -14.54
C GLN B 25 20.14 -7.71 -13.40
N PRO B 26 19.27 -7.66 -12.36
CA PRO B 26 19.56 -6.88 -11.20
C PRO B 26 20.86 -7.30 -10.52
N LEU B 27 21.42 -6.37 -9.76
CA LEU B 27 22.52 -6.67 -8.87
C LEU B 27 21.94 -7.19 -7.54
N ARG B 28 22.55 -8.25 -7.02
CA ARG B 28 22.16 -8.90 -5.79
C ARG B 28 23.41 -9.35 -5.08
N GLY B 29 23.54 -8.99 -3.82
CA GLY B 29 24.77 -9.36 -3.08
C GLY B 29 24.76 -9.11 -1.58
N PRO B 30 25.76 -9.64 -0.90
CA PRO B 30 26.07 -9.36 0.50
C PRO B 30 27.10 -8.23 0.63
N TYR B 31 27.58 -8.05 1.85
CA TYR B 31 28.56 -6.99 2.12
C TYR B 31 29.83 -7.54 2.73
N THR B 32 30.85 -6.68 2.71
CA THR B 32 32.06 -6.87 3.48
C THR B 32 32.64 -5.49 3.82
N SER B 33 33.69 -5.48 4.63
CA SER B 33 34.28 -4.24 5.12
C SER B 33 35.79 -4.28 5.14
N THR B 34 36.41 -3.15 4.78
CA THR B 34 37.83 -2.92 4.93
C THR B 34 38.03 -1.72 5.85
N GLU B 35 37.01 -1.42 6.66
CA GLU B 35 37.07 -0.24 7.55
C GLU B 35 38.11 -0.37 8.68
N TRP B 36 38.18 -1.55 9.29
CA TRP B 36 39.12 -1.83 10.40
C TRP B 36 39.68 -3.28 10.34
N THR B 37 39.63 -3.88 9.16
CA THR B 37 40.11 -5.24 8.93
C THR B 37 40.71 -5.34 7.53
N ALA B 38 41.41 -6.45 7.28
CA ALA B 38 41.94 -6.75 5.95
C ALA B 38 40.82 -7.14 4.99
N ALA B 39 41.14 -7.10 3.71
CA ALA B 39 40.24 -7.54 2.66
C ALA B 39 39.97 -9.05 2.72
N ALA B 40 38.68 -9.40 2.58
CA ALA B 40 38.23 -10.78 2.66
C ALA B 40 38.92 -11.61 1.60
N PRO B 41 39.35 -12.84 1.95
CA PRO B 41 40.09 -13.66 0.98
C PRO B 41 39.34 -13.97 -0.31
N TYR B 42 40.10 -14.23 -1.37
CA TYR B 42 39.56 -14.54 -2.69
C TYR B 42 38.54 -15.69 -2.62
N ASP B 43 38.87 -16.75 -1.89
CA ASP B 43 37.98 -17.91 -1.88
C ASP B 43 36.68 -17.64 -1.12
N GLN B 44 36.71 -16.71 -0.18
CA GLN B 44 35.49 -16.36 0.59
C GLN B 44 34.58 -15.50 -0.26
N ILE B 45 35.18 -14.57 -1.01
CA ILE B 45 34.42 -13.73 -1.92
C ILE B 45 33.83 -14.60 -2.99
N ALA B 46 34.61 -15.58 -3.48
CA ALA B 46 34.11 -16.51 -4.50
C ALA B 46 32.81 -17.25 -4.08
N ARG B 47 32.64 -17.48 -2.77
CA ARG B 47 31.49 -18.26 -2.31
C ARG B 47 30.18 -17.53 -2.65
N VAL B 48 30.22 -16.21 -2.84
CA VAL B 48 28.95 -15.48 -3.08
C VAL B 48 28.28 -15.93 -4.37
N LYS B 49 29.09 -16.39 -5.33
CA LYS B 49 28.58 -16.79 -6.65
C LYS B 49 27.71 -18.05 -6.56
N GLU B 50 27.99 -18.90 -5.57
CA GLU B 50 27.29 -20.16 -5.29
CA GLU B 50 27.23 -20.14 -5.40
C GLU B 50 26.01 -19.92 -4.50
N LEU B 51 25.86 -18.71 -3.98
CA LEU B 51 24.65 -18.29 -3.25
C LEU B 51 23.75 -17.39 -4.09
N GLY B 52 23.90 -17.41 -5.42
CA GLY B 52 22.99 -16.71 -6.33
C GLY B 52 23.27 -15.21 -6.51
N PHE B 53 24.40 -14.74 -5.97
CA PHE B 53 24.78 -13.33 -6.00
C PHE B 53 25.70 -12.99 -7.17
N ASN B 54 25.67 -11.73 -7.58
CA ASN B 54 26.58 -11.20 -8.58
C ASN B 54 27.28 -9.87 -8.22
N ALA B 55 27.24 -9.48 -6.96
CA ALA B 55 27.66 -8.19 -6.48
C ALA B 55 28.10 -8.27 -5.03
N VAL B 56 28.91 -7.29 -4.65
CA VAL B 56 29.39 -7.15 -3.30
C VAL B 56 29.26 -5.69 -2.89
N HIS B 57 28.78 -5.47 -1.66
CA HIS B 57 28.73 -4.14 -1.08
C HIS B 57 29.97 -3.96 -0.23
N LEU B 58 30.77 -2.94 -0.50
CA LEU B 58 31.97 -2.69 0.35
C LEU B 58 31.86 -1.43 1.15
N TYR B 59 31.87 -1.58 2.47
CA TYR B 59 32.11 -0.44 3.36
C TYR B 59 33.64 -0.28 3.40
N ALA B 60 34.14 0.70 2.65
CA ALA B 60 35.55 0.79 2.33
C ALA B 60 36.39 1.38 3.48
N GLU B 61 35.93 2.50 4.01
CA GLU B 61 36.57 3.18 5.10
C GLU B 61 35.46 3.82 5.93
N CYS B 62 35.74 4.00 7.22
CA CYS B 62 34.86 4.65 8.17
CA CYS B 62 34.80 4.71 8.08
C CYS B 62 35.36 6.10 8.36
N PHE B 63 34.46 7.09 8.30
CA PHE B 63 34.86 8.52 8.41
C PHE B 63 35.22 8.87 9.86
N ASP B 64 36.02 9.92 10.01
CA ASP B 64 36.35 10.47 11.31
C ASP B 64 35.64 11.80 11.52
N PRO B 65 34.70 11.88 12.49
CA PRO B 65 33.98 13.14 12.74
C PRO B 65 34.89 14.34 13.07
N ARG B 66 36.07 14.10 13.63
CA ARG B 66 37.03 15.15 14.01
C ARG B 66 37.90 15.69 12.88
N TYR B 67 37.89 15.04 11.72
CA TYR B 67 38.67 15.49 10.54
C TYR B 67 38.27 16.92 10.11
N PRO B 68 39.21 17.77 9.74
CA PRO B 68 40.63 17.48 9.54
C PRO B 68 41.52 17.97 10.70
N ALA B 69 41.03 17.85 11.94
CA ALA B 69 41.83 18.29 13.13
C ALA B 69 43.09 17.44 13.23
N PRO B 70 44.25 18.03 13.62
CA PRO B 70 45.43 17.15 13.77
C PRO B 70 45.15 15.98 14.73
N GLY B 71 45.67 14.80 14.38
CA GLY B 71 45.34 13.55 15.09
C GLY B 71 44.22 12.72 14.45
N SER B 72 43.41 13.33 13.59
CA SER B 72 42.27 12.60 12.99
C SER B 72 42.75 11.67 11.88
N LYS B 73 41.93 10.64 11.62
CA LYS B 73 42.23 9.63 10.60
C LYS B 73 41.70 10.09 9.24
N ALA B 74 42.63 10.31 8.33
CA ALA B 74 42.30 10.84 7.00
C ALA B 74 41.77 9.72 6.12
N PRO B 75 40.93 10.05 5.11
CA PRO B 75 40.61 9.04 4.10
C PRO B 75 41.86 8.57 3.33
N GLY B 76 41.77 7.36 2.78
CA GLY B 76 42.86 6.73 2.05
C GLY B 76 43.65 5.69 2.81
N TYR B 77 43.38 5.52 4.09
CA TYR B 77 44.15 4.61 4.93
C TYR B 77 44.02 3.14 4.53
N ALA B 78 42.91 2.76 3.93
CA ALA B 78 42.64 1.37 3.59
C ALA B 78 42.88 1.08 2.11
N VAL B 79 43.55 1.98 1.38
CA VAL B 79 43.75 1.84 -0.06
C VAL B 79 44.27 0.46 -0.51
N ASN B 80 45.25 -0.10 0.21
CA ASN B 80 45.79 -1.41 -0.21
C ASN B 80 44.73 -2.52 -0.07
N GLU B 81 43.83 -2.39 0.90
CA GLU B 81 42.76 -3.40 1.09
C GLU B 81 41.64 -3.20 0.09
N ILE B 82 41.33 -1.95 -0.21
CA ILE B 82 40.28 -1.64 -1.18
C ILE B 82 40.73 -2.08 -2.57
N ASP B 83 41.99 -1.81 -2.92
CA ASP B 83 42.55 -2.29 -4.19
C ASP B 83 42.32 -3.81 -4.30
N LYS B 84 42.52 -4.53 -3.21
CA LYS B 84 42.36 -6.00 -3.22
C LYS B 84 40.91 -6.43 -3.48
N ILE B 85 39.95 -5.76 -2.85
CA ILE B 85 38.53 -6.06 -3.10
C ILE B 85 38.20 -5.75 -4.54
N VAL B 86 38.68 -4.61 -5.05
CA VAL B 86 38.47 -4.28 -6.45
C VAL B 86 39.01 -5.34 -7.41
N GLU B 87 40.24 -5.77 -7.18
CA GLU B 87 40.87 -6.81 -8.00
C GLU B 87 40.16 -8.20 -7.94
N ARG B 88 39.86 -8.64 -6.74
CA ARG B 88 39.20 -9.92 -6.46
C ARG B 88 37.80 -9.97 -7.10
N THR B 89 36.98 -8.93 -6.88
CA THR B 89 35.70 -8.82 -7.59
C THR B 89 35.84 -8.71 -9.11
N ARG B 90 36.87 -8.01 -9.59
CA ARG B 90 37.14 -7.94 -11.03
C ARG B 90 37.27 -9.34 -11.60
N GLU B 91 38.19 -10.09 -10.99
CA GLU B 91 38.56 -11.41 -11.49
C GLU B 91 37.45 -12.47 -11.29
N LEU B 92 36.63 -12.28 -10.27
CA LEU B 92 35.52 -13.19 -9.99
C LEU B 92 34.25 -12.88 -10.82
N GLY B 93 34.27 -11.85 -11.67
CA GLY B 93 33.10 -11.48 -12.45
C GLY B 93 31.90 -10.96 -11.62
N LEU B 94 32.24 -10.28 -10.54
CA LEU B 94 31.29 -9.62 -9.66
C LEU B 94 31.27 -8.09 -9.80
N TYR B 95 30.11 -7.51 -9.51
CA TYR B 95 29.96 -6.08 -9.31
C TYR B 95 30.38 -5.70 -7.89
N LEU B 96 30.78 -4.43 -7.75
CA LEU B 96 31.23 -3.90 -6.46
C LEU B 96 30.64 -2.52 -6.26
N VAL B 97 29.94 -2.32 -5.15
CA VAL B 97 29.42 -1.00 -4.77
C VAL B 97 30.26 -0.51 -3.61
N ILE B 98 31.05 0.56 -3.83
CA ILE B 98 31.95 1.07 -2.78
C ILE B 98 31.27 2.25 -2.10
N THR B 99 31.26 2.25 -0.77
CA THR B 99 30.77 3.38 -0.01
C THR B 99 31.66 3.70 1.19
N ILE B 100 31.35 4.84 1.80
CA ILE B 100 31.92 5.26 3.06
C ILE B 100 30.99 4.78 4.17
N GLY B 101 31.58 4.11 5.14
CA GLY B 101 30.92 3.62 6.33
C GLY B 101 31.05 4.53 7.54
N ASN B 102 30.37 4.17 8.60
CA ASN B 102 30.17 5.09 9.69
C ASN B 102 30.64 4.57 11.03
N GLY B 103 30.85 3.26 11.17
CA GLY B 103 31.16 2.69 12.49
C GLY B 103 30.09 3.01 13.52
N ALA B 104 30.48 3.67 14.60
CA ALA B 104 29.57 4.05 15.69
C ALA B 104 28.71 5.28 15.35
N ASN B 105 29.06 5.95 14.26
CA ASN B 105 28.43 7.20 13.90
C ASN B 105 27.47 7.09 12.71
N ASN B 106 26.62 6.06 12.66
CA ASN B 106 25.53 6.03 11.65
C ASN B 106 24.59 7.23 11.86
N GLY B 107 24.04 7.72 10.77
CA GLY B 107 23.20 8.89 10.79
C GLY B 107 24.03 10.15 11.04
N ASN B 108 25.24 10.16 10.54
CA ASN B 108 26.13 11.30 10.65
C ASN B 108 27.13 11.22 9.48
N HIS B 109 27.81 12.34 9.20
CA HIS B 109 28.84 12.39 8.17
C HIS B 109 29.75 13.59 8.45
N ASN B 110 30.87 13.61 7.74
CA ASN B 110 31.78 14.76 7.73
C ASN B 110 32.04 15.09 6.25
N ALA B 111 31.54 16.24 5.81
CA ALA B 111 31.56 16.62 4.38
C ALA B 111 32.97 16.68 3.83
N GLN B 112 33.91 17.30 4.55
CA GLN B 112 35.28 17.36 4.05
C GLN B 112 35.90 15.96 3.92
N TRP B 113 35.70 15.11 4.93
CA TRP B 113 36.18 13.73 4.89
C TRP B 113 35.67 13.05 3.60
N ALA B 114 34.38 13.21 3.31
CA ALA B 114 33.77 12.57 2.15
C ALA B 114 34.29 13.14 0.81
N ARG B 115 34.43 14.47 0.74
CA ARG B 115 35.01 15.10 -0.46
C ARG B 115 36.43 14.55 -0.73
N ASP B 116 37.21 14.49 0.33
CA ASP B 116 38.61 14.02 0.21
C ASP B 116 38.72 12.53 -0.08
N PHE B 117 37.80 11.71 0.49
CA PHE B 117 37.70 10.31 0.19
C PHE B 117 37.47 10.12 -1.32
N TRP B 118 36.48 10.80 -1.85
CA TRP B 118 36.09 10.61 -3.23
C TRP B 118 37.06 11.28 -4.20
N LYS B 119 37.73 12.37 -3.80
CA LYS B 119 38.80 12.94 -4.64
C LYS B 119 39.93 11.91 -4.86
N PHE B 120 40.23 11.12 -3.83
CA PHE B 120 41.24 10.08 -3.94
C PHE B 120 40.74 8.86 -4.69
N TYR B 121 39.55 8.35 -4.31
CA TYR B 121 39.09 7.07 -4.83
C TYR B 121 38.35 7.12 -6.18
N ALA B 122 37.67 8.24 -6.47
CA ALA B 122 36.92 8.33 -7.71
C ALA B 122 37.81 8.11 -8.97
N PRO B 123 38.95 8.82 -9.07
CA PRO B 123 39.80 8.60 -10.24
C PRO B 123 40.46 7.22 -10.21
N ARG B 124 40.69 6.68 -9.01
CA ARG B 124 41.39 5.43 -8.87
C ARG B 124 40.64 4.27 -9.54
N TYR B 125 39.33 4.20 -9.37
CA TYR B 125 38.53 3.10 -9.90
C TYR B 125 37.61 3.52 -11.01
N ALA B 126 37.87 4.69 -11.62
CA ALA B 126 36.98 5.25 -12.65
C ALA B 126 36.84 4.30 -13.84
N LYS B 127 37.94 3.65 -14.20
CA LYS B 127 37.99 2.73 -15.35
C LYS B 127 37.53 1.31 -15.03
N GLU B 128 37.29 1.00 -13.77
CA GLU B 128 36.83 -0.32 -13.34
C GLU B 128 35.35 -0.47 -13.65
N THR B 129 35.02 -1.12 -14.77
CA THR B 129 33.64 -1.12 -15.25
C THR B 129 32.65 -1.84 -14.31
N HIS B 130 33.17 -2.64 -13.39
CA HIS B 130 32.35 -3.43 -12.44
C HIS B 130 32.03 -2.67 -11.15
N VAL B 131 32.61 -1.49 -11.01
CA VAL B 131 32.56 -0.70 -9.80
C VAL B 131 31.58 0.48 -9.87
N LEU B 132 30.71 0.55 -8.87
CA LEU B 132 29.73 1.62 -8.69
C LEU B 132 30.12 2.36 -7.43
N TYR B 133 29.76 3.64 -7.36
CA TYR B 133 30.09 4.46 -6.21
C TYR B 133 28.81 4.89 -5.47
N GLU B 134 28.79 4.66 -4.16
CA GLU B 134 27.68 5.06 -3.30
C GLU B 134 28.26 6.13 -2.39
N ILE B 135 27.76 7.36 -2.54
CA ILE B 135 28.38 8.54 -1.92
C ILE B 135 28.70 8.38 -0.43
N HIS B 136 27.73 7.96 0.37
CA HIS B 136 27.95 7.88 1.81
C HIS B 136 26.82 7.10 2.49
N ASN B 137 27.16 6.11 3.27
CA ASN B 137 26.15 5.35 4.05
C ASN B 137 25.51 6.26 5.08
N GLU B 138 24.18 6.14 5.23
CA GLU B 138 23.38 6.74 6.30
C GLU B 138 23.98 8.03 6.89
N PRO B 139 24.06 9.09 6.06
CA PRO B 139 24.71 10.34 6.45
C PRO B 139 23.90 11.21 7.40
N VAL B 140 22.62 10.88 7.60
CA VAL B 140 21.69 11.72 8.40
C VAL B 140 20.79 10.79 9.22
N ALA B 141 20.56 11.15 10.47
CA ALA B 141 19.65 10.42 11.34
C ALA B 141 18.24 10.98 11.11
N TRP B 142 17.36 10.30 10.38
CA TRP B 142 17.50 8.91 9.87
C TRP B 142 16.96 8.70 8.45
N GLY B 143 16.64 9.77 7.74
CA GLY B 143 16.00 9.68 6.46
C GLY B 143 15.68 11.07 5.91
N PRO B 144 14.89 11.15 4.85
CA PRO B 144 14.59 12.43 4.23
C PRO B 144 13.63 13.30 5.09
N PRO B 145 13.63 14.64 4.94
CA PRO B 145 14.45 15.39 3.99
C PRO B 145 15.79 15.87 4.56
N TYR B 146 16.88 15.43 3.94
CA TYR B 146 18.21 15.94 4.26
C TYR B 146 18.32 17.48 4.10
N SER B 147 17.55 18.04 3.18
CA SER B 147 17.60 19.45 2.81
C SER B 147 16.96 20.35 3.91
N SER B 148 16.27 19.76 4.87
CA SER B 148 15.70 20.52 5.98
C SER B 148 16.80 21.21 6.78
N SER B 149 16.57 22.45 7.19
CA SER B 149 17.54 23.16 8.07
C SER B 149 17.72 22.50 9.43
N THR B 150 16.76 21.68 9.87
CA THR B 150 16.88 20.96 11.16
C THR B 150 17.27 19.49 10.99
N ALA B 151 17.66 19.06 9.77
CA ALA B 151 18.23 17.70 9.60
C ALA B 151 19.38 17.47 10.60
N ASN B 152 19.47 16.24 11.08
CA ASN B 152 20.47 15.84 12.06
C ASN B 152 21.55 14.95 11.43
N PRO B 153 22.70 15.47 10.99
CA PRO B 153 23.09 16.85 10.92
C PRO B 153 22.67 17.52 9.62
N PRO B 154 22.77 18.85 9.57
CA PRO B 154 22.38 19.57 8.35
C PRO B 154 23.43 19.48 7.25
N GLY B 155 23.02 19.86 6.06
CA GLY B 155 23.97 20.06 4.95
C GLY B 155 24.37 18.80 4.19
N ALA B 156 23.70 17.66 4.42
CA ALA B 156 24.04 16.47 3.63
C ALA B 156 23.76 16.63 2.13
N VAL B 157 22.73 17.38 1.73
CA VAL B 157 22.51 17.59 0.26
C VAL B 157 23.70 18.35 -0.37
N ASP B 158 24.25 19.34 0.34
CA ASP B 158 25.51 19.98 -0.12
C ASP B 158 26.66 18.96 -0.33
N MET B 159 26.80 18.03 0.60
CA MET B 159 27.81 16.99 0.47
CA MET B 159 27.80 16.97 0.46
C MET B 159 27.49 16.13 -0.76
N GLU B 160 26.22 15.76 -0.94
CA GLU B 160 25.84 14.93 -2.11
C GLU B 160 26.18 15.63 -3.45
N ILE B 161 25.83 16.90 -3.56
CA ILE B 161 26.17 17.74 -4.72
C ILE B 161 27.68 17.77 -4.92
N ASP B 162 28.42 18.11 -3.86
CA ASP B 162 29.86 18.31 -4.00
C ASP B 162 30.57 17.02 -4.39
N VAL B 163 30.24 15.94 -3.70
CA VAL B 163 30.83 14.64 -4.00
C VAL B 163 30.44 14.18 -5.43
N TYR B 164 29.17 14.42 -5.82
CA TYR B 164 28.74 14.05 -7.19
C TYR B 164 29.62 14.76 -8.23
N ARG B 165 29.84 16.05 -8.04
CA ARG B 165 30.69 16.80 -9.00
C ARG B 165 32.14 16.33 -9.05
N ILE B 166 32.68 16.00 -7.88
CA ILE B 166 34.01 15.38 -7.79
C ILE B 166 34.03 14.05 -8.54
N ILE B 167 33.03 13.19 -8.29
CA ILE B 167 32.96 11.91 -9.00
C ILE B 167 32.89 12.10 -10.50
N ARG B 168 32.02 13.01 -10.95
CA ARG B 168 31.85 13.18 -12.39
C ARG B 168 33.07 13.83 -13.04
N THR B 169 33.83 14.61 -12.27
CA THR B 169 35.06 15.19 -12.78
C THR B 169 36.10 14.10 -13.11
N TYR B 170 36.24 13.13 -12.21
CA TYR B 170 37.28 12.12 -12.33
C TYR B 170 36.79 10.76 -12.84
N ALA B 171 35.47 10.52 -12.80
CA ALA B 171 34.89 9.24 -13.15
C ALA B 171 33.57 9.52 -13.89
N PRO B 172 33.67 10.04 -15.13
CA PRO B 172 32.46 10.50 -15.83
C PRO B 172 31.43 9.42 -16.16
N GLU B 173 31.86 8.15 -16.23
CA GLU B 173 31.02 6.99 -16.62
C GLU B 173 30.49 6.18 -15.43
N THR B 174 30.98 6.44 -14.22
CA THR B 174 30.71 5.54 -13.11
C THR B 174 29.30 5.76 -12.50
N PRO B 175 28.56 4.67 -12.32
CA PRO B 175 27.26 4.79 -11.65
C PRO B 175 27.38 5.35 -10.26
N VAL B 176 26.43 6.21 -9.93
CA VAL B 176 26.41 6.86 -8.59
C VAL B 176 25.11 6.60 -7.88
N LEU B 177 25.22 6.11 -6.64
CA LEU B 177 24.07 5.87 -5.75
C LEU B 177 24.06 6.96 -4.69
N LEU B 178 22.92 7.67 -4.61
CA LEU B 178 22.75 8.89 -3.80
C LEU B 178 21.95 8.65 -2.51
N PHE B 179 22.26 9.45 -1.52
CA PHE B 179 21.51 9.65 -0.26
C PHE B 179 21.59 8.53 0.78
N SER B 180 21.43 7.28 0.33
CA SER B 180 21.52 6.12 1.25
C SER B 180 20.68 6.31 2.52
N TYR B 181 19.39 6.57 2.31
CA TYR B 181 18.45 6.83 3.40
C TYR B 181 18.28 5.61 4.31
N ALA B 182 18.52 5.78 5.61
CA ALA B 182 18.39 4.66 6.56
C ALA B 182 16.94 4.21 6.67
N VAL B 183 16.03 5.19 6.79
CA VAL B 183 14.59 4.97 6.95
C VAL B 183 13.89 5.69 5.80
N PHE B 184 13.25 4.90 4.95
CA PHE B 184 12.63 5.36 3.72
C PHE B 184 11.26 4.72 3.70
N GLY B 185 10.26 5.46 4.23
CA GLY B 185 8.93 4.86 4.44
C GLY B 185 7.74 5.75 4.11
N GLY B 186 6.74 5.15 3.50
CA GLY B 186 5.46 5.82 3.25
C GLY B 186 5.46 6.72 2.04
N LYS B 187 4.27 7.18 1.66
CA LYS B 187 4.18 8.17 0.59
C LYS B 187 4.87 9.46 1.06
N GLY B 188 4.85 9.72 2.36
CA GLY B 188 5.48 10.89 2.94
C GLY B 188 6.99 10.86 2.83
N GLY B 189 7.59 9.71 3.13
CA GLY B 189 9.04 9.50 2.90
C GLY B 189 9.44 9.78 1.46
N ALA B 190 8.67 9.28 0.50
CA ALA B 190 8.97 9.56 -0.89
C ALA B 190 8.89 11.05 -1.23
N ALA B 191 7.84 11.71 -0.73
CA ALA B 191 7.68 13.16 -0.94
C ALA B 191 8.83 13.95 -0.34
N GLU B 192 9.23 13.58 0.87
CA GLU B 192 10.38 14.18 1.52
C GLU B 192 11.65 13.93 0.69
N ALA B 193 11.86 12.70 0.21
CA ALA B 193 13.00 12.42 -0.67
C ALA B 193 12.97 13.27 -1.94
N LEU B 194 11.78 13.46 -2.51
CA LEU B 194 11.66 14.28 -3.71
C LEU B 194 12.11 15.75 -3.45
N LYS B 195 11.97 16.25 -2.22
CA LYS B 195 12.53 17.58 -1.88
C LYS B 195 14.04 17.57 -2.07
N ASP B 196 14.69 16.52 -1.55
CA ASP B 196 16.16 16.38 -1.65
C ASP B 196 16.63 16.22 -3.09
N ILE B 197 15.90 15.39 -3.81
CA ILE B 197 16.17 15.12 -5.23
C ILE B 197 16.07 16.39 -6.04
N ARG B 198 14.99 17.16 -5.86
CA ARG B 198 14.80 18.41 -6.62
C ARG B 198 15.90 19.42 -6.28
N ALA B 199 16.30 19.50 -5.00
CA ALA B 199 17.39 20.43 -4.62
C ALA B 199 18.76 20.00 -5.25
N PHE B 200 19.08 18.71 -5.16
CA PHE B 200 20.24 18.16 -5.87
C PHE B 200 20.19 18.45 -7.37
N ASN B 201 19.04 18.18 -8.00
CA ASN B 201 18.91 18.35 -9.45
C ASN B 201 19.09 19.79 -9.89
N LYS B 202 18.46 20.70 -9.17
CA LYS B 202 18.55 22.15 -9.43
C LYS B 202 20.00 22.59 -9.40
N ALA B 203 20.74 22.21 -8.38
CA ALA B 203 22.17 22.57 -8.29
C ALA B 203 23.07 21.91 -9.35
N VAL B 204 22.85 20.62 -9.62
CA VAL B 204 23.75 19.83 -10.49
C VAL B 204 23.41 19.97 -11.96
N PHE B 205 22.12 19.88 -12.29
CA PHE B 205 21.66 19.87 -13.69
C PHE B 205 20.94 21.15 -14.12
N GLY B 206 20.71 22.07 -13.18
CA GLY B 206 20.02 23.33 -13.46
C GLY B 206 18.54 23.16 -13.71
N ASN B 207 18.01 22.00 -13.31
CA ASN B 207 16.61 21.65 -13.55
C ASN B 207 16.14 20.73 -12.42
N GLU B 208 15.17 21.16 -11.63
CA GLU B 208 14.63 20.34 -10.53
C GLU B 208 14.18 18.95 -10.97
N ASN B 209 13.74 18.81 -12.23
CA ASN B 209 13.14 17.53 -12.69
C ASN B 209 13.97 16.71 -13.68
N ALA B 210 15.27 16.77 -13.52
CA ALA B 210 16.22 16.08 -14.40
C ALA B 210 15.97 14.58 -14.52
N VAL B 211 16.13 14.07 -15.73
CA VAL B 211 15.98 12.66 -16.00
C VAL B 211 17.37 12.09 -15.85
N TRP B 212 17.63 11.38 -14.75
CA TRP B 212 18.93 10.71 -14.55
C TRP B 212 19.20 9.63 -15.59
N THR B 213 20.43 9.59 -16.08
CA THR B 213 20.92 8.54 -16.94
C THR B 213 21.85 7.56 -16.23
N ASN B 214 22.47 7.95 -15.11
CA ASN B 214 23.50 7.08 -14.51
C ASN B 214 23.59 7.28 -12.99
N GLU B 215 22.42 7.46 -12.38
CA GLU B 215 22.25 7.73 -10.98
C GLU B 215 21.02 6.99 -10.49
N ALA B 216 21.05 6.61 -9.22
CA ALA B 216 19.87 6.07 -8.54
C ALA B 216 19.87 6.40 -7.06
N VAL B 217 18.71 6.35 -6.43
CA VAL B 217 18.58 6.59 -4.99
C VAL B 217 18.87 5.31 -4.23
N ALA B 218 19.91 5.31 -3.40
CA ALA B 218 20.13 4.25 -2.43
C ALA B 218 19.27 4.44 -1.20
N PHE B 219 18.71 3.33 -0.72
CA PHE B 219 17.93 3.35 0.47
C PHE B 219 18.17 2.08 1.27
N HIS B 220 17.78 2.14 2.53
CA HIS B 220 17.78 0.99 3.41
C HIS B 220 16.37 0.61 3.84
N GLY B 221 16.25 -0.49 4.59
CA GLY B 221 14.91 -1.03 4.89
C GLY B 221 14.39 -0.86 6.29
N TYR B 222 14.95 0.05 7.08
CA TYR B 222 14.61 0.14 8.51
C TYR B 222 13.20 0.71 8.80
N ALA B 223 12.49 1.21 7.79
CA ALA B 223 11.05 1.54 7.95
C ALA B 223 10.16 0.26 7.95
N GLY B 224 10.72 -0.92 7.66
CA GLY B 224 9.93 -2.16 7.60
C GLY B 224 9.51 -2.35 6.16
N TRP B 225 9.22 -3.61 5.81
CA TRP B 225 8.95 -3.96 4.42
C TRP B 225 7.72 -3.27 3.82
N GLN B 226 6.64 -3.15 4.59
CA GLN B 226 5.43 -2.50 4.02
C GLN B 226 5.66 -1.02 3.70
N GLU B 227 6.12 -0.26 4.69
CA GLU B 227 6.32 1.19 4.48
C GLU B 227 7.40 1.49 3.46
N THR B 228 8.48 0.71 3.44
CA THR B 228 9.52 0.86 2.44
C THR B 228 9.05 0.61 1.01
N THR B 229 8.27 -0.45 0.83
CA THR B 229 7.74 -0.80 -0.47
C THR B 229 6.85 0.35 -1.00
N ILE B 230 6.05 0.94 -0.11
CA ILE B 230 5.21 2.09 -0.46
C ILE B 230 6.09 3.28 -0.89
N ALA B 231 7.13 3.59 -0.14
CA ALA B 231 8.06 4.67 -0.52
C ALA B 231 8.74 4.40 -1.88
N VAL B 232 9.21 3.17 -2.09
CA VAL B 232 9.82 2.80 -3.35
C VAL B 232 8.89 2.98 -4.54
N GLU B 233 7.66 2.46 -4.43
CA GLU B 233 6.70 2.56 -5.52
C GLU B 233 6.43 4.03 -5.87
N GLU B 234 6.34 4.90 -4.85
CA GLU B 234 6.10 6.33 -5.10
C GLU B 234 7.25 7.02 -5.80
N LEU B 235 8.48 6.67 -5.38
CA LEU B 235 9.64 7.24 -6.01
C LEU B 235 9.75 6.76 -7.46
N LEU B 236 9.51 5.47 -7.68
CA LEU B 236 9.53 4.93 -9.02
C LEU B 236 8.51 5.57 -9.93
N LYS B 237 7.29 5.79 -9.43
CA LYS B 237 6.26 6.53 -10.18
C LYS B 237 6.69 7.95 -10.50
N ALA B 238 7.49 8.57 -9.62
CA ALA B 238 8.07 9.89 -9.87
C ALA B 238 9.18 9.92 -10.92
N GLY B 239 9.68 8.76 -11.33
CA GLY B 239 10.68 8.68 -12.37
C GLY B 239 12.13 8.56 -11.90
N TYR B 240 12.33 8.28 -10.61
CA TYR B 240 13.69 8.15 -10.05
C TYR B 240 13.99 6.69 -9.72
N PRO B 241 15.00 6.13 -10.39
CA PRO B 241 15.42 4.76 -10.05
C PRO B 241 16.00 4.64 -8.65
N CYS B 242 15.91 3.43 -8.10
CA CYS B 242 16.46 3.21 -6.78
CA CYS B 242 16.24 3.11 -6.72
C CYS B 242 17.15 1.85 -6.64
N PHE B 243 17.82 1.66 -5.52
CA PHE B 243 18.78 0.53 -5.32
C PHE B 243 18.89 0.33 -3.80
N MET B 244 18.49 -0.83 -3.31
CA MET B 244 18.57 -1.12 -1.87
C MET B 244 20.02 -1.44 -1.50
N THR B 245 20.61 -0.76 -0.54
CA THR B 245 22.01 -1.06 -0.22
C THR B 245 22.21 -1.66 1.17
N SER B 246 21.19 -1.73 1.99
CA SER B 246 21.40 -2.38 3.30
C SER B 246 20.08 -2.57 4.01
N TYR B 247 19.87 -3.81 4.41
CA TYR B 247 18.65 -4.19 5.10
CA TYR B 247 18.75 -4.13 5.27
C TYR B 247 18.87 -5.58 5.71
N ALA B 248 18.13 -5.92 6.76
CA ALA B 248 18.02 -7.26 7.31
C ALA B 248 16.70 -7.41 8.13
N GLY B 249 16.19 -8.64 8.28
CA GLY B 249 14.83 -8.87 8.83
C GLY B 249 14.65 -10.21 9.50
N GLY B 257 19.25 -10.09 12.11
CA GLY B 257 18.96 -11.53 12.08
C GLY B 257 18.62 -12.12 10.67
N GLY B 258 19.34 -11.69 9.63
CA GLY B 258 19.32 -12.40 8.33
C GLY B 258 18.49 -11.67 7.29
N LEU B 259 18.40 -12.26 6.11
CA LEU B 259 17.67 -11.67 4.98
C LEU B 259 16.24 -11.28 5.32
N ASP B 260 15.83 -10.08 4.87
CA ASP B 260 14.43 -9.66 4.97
C ASP B 260 13.72 -10.21 3.76
N VAL B 261 13.08 -11.36 3.95
CA VAL B 261 12.45 -12.07 2.84
C VAL B 261 11.31 -11.25 2.22
N GLU B 262 10.52 -10.61 3.08
CA GLU B 262 9.35 -9.86 2.61
C GLU B 262 9.77 -8.69 1.73
N LEU B 263 10.75 -7.92 2.19
CA LEU B 263 11.21 -6.79 1.38
C LEU B 263 11.86 -7.25 0.08
N THR B 264 12.66 -8.31 0.16
CA THR B 264 13.33 -8.86 -1.01
C THR B 264 12.27 -9.29 -2.01
N TYR B 265 11.20 -9.92 -1.55
CA TYR B 265 10.13 -10.29 -2.46
C TYR B 265 9.52 -9.07 -3.16
N GLU B 266 9.30 -7.99 -2.42
CA GLU B 266 8.74 -6.80 -3.03
C GLU B 266 9.73 -6.17 -4.02
N LEU B 267 11.03 -6.15 -3.66
CA LEU B 267 12.01 -5.57 -4.56
C LEU B 267 12.17 -6.37 -5.85
N GLU B 268 12.09 -7.71 -5.74
CA GLU B 268 12.07 -8.55 -6.92
C GLU B 268 10.89 -8.21 -7.85
N ARG B 269 9.70 -8.05 -7.26
CA ARG B 269 8.50 -7.65 -8.02
C ARG B 269 8.65 -6.31 -8.72
N LEU B 270 9.24 -5.34 -8.02
CA LEU B 270 9.38 -4.00 -8.53
C LEU B 270 10.53 -3.79 -9.51
N GLY B 271 11.46 -4.74 -9.59
CA GLY B 271 12.65 -4.61 -10.42
C GLY B 271 13.70 -3.69 -9.76
N VAL B 272 14.05 -3.98 -8.51
CA VAL B 272 15.00 -3.16 -7.78
C VAL B 272 16.14 -4.04 -7.26
N SER B 273 17.36 -3.60 -7.56
CA SER B 273 18.59 -4.29 -7.11
C SER B 273 18.75 -4.14 -5.61
N TRP B 274 19.49 -5.09 -5.03
CA TRP B 274 19.61 -5.14 -3.58
C TRP B 274 20.90 -5.76 -3.05
N LEU B 275 21.36 -5.16 -1.96
CA LEU B 275 22.51 -5.64 -1.21
C LEU B 275 22.01 -5.86 0.22
N THR B 276 22.21 -7.07 0.73
CA THR B 276 21.71 -7.48 2.04
C THR B 276 22.81 -7.43 3.08
N PHE B 277 22.43 -7.24 4.33
CA PHE B 277 23.39 -6.96 5.44
C PHE B 277 23.76 -8.23 6.19
N GLN B 278 24.23 -9.18 5.40
CA GLN B 278 24.96 -10.34 5.88
C GLN B 278 26.37 -10.37 5.24
N TYR B 279 27.36 -10.73 6.06
CA TYR B 279 28.76 -10.49 5.71
C TYR B 279 29.47 -11.67 5.05
N ILE B 280 30.47 -11.35 4.24
CA ILE B 280 31.33 -12.35 3.66
C ILE B 280 32.35 -12.74 4.72
N PRO B 281 32.48 -14.05 5.03
CA PRO B 281 33.43 -14.43 6.09
C PRO B 281 34.89 -14.03 5.76
N PRO B 282 35.75 -13.91 6.78
CA PRO B 282 35.50 -14.38 8.14
C PRO B 282 34.78 -13.43 9.09
N THR B 283 34.71 -12.13 8.78
CA THR B 283 34.30 -11.14 9.78
C THR B 283 33.35 -10.03 9.30
N GLY B 284 32.49 -9.61 10.23
CA GLY B 284 31.60 -8.49 10.04
C GLY B 284 30.76 -8.26 11.30
N VAL B 285 30.05 -7.13 11.31
CA VAL B 285 29.35 -6.67 12.49
C VAL B 285 28.00 -7.34 12.69
N SER B 286 27.49 -8.03 11.67
CA SER B 286 26.14 -8.58 11.72
C SER B 286 26.18 -10.10 11.77
N ASP B 287 25.68 -10.75 10.72
CA ASP B 287 25.60 -12.23 10.60
C ASP B 287 26.23 -12.72 9.27
N ASP B 288 26.83 -13.92 9.32
CA ASP B 288 27.58 -14.54 8.20
C ASP B 288 26.61 -15.02 7.12
N VAL B 289 26.73 -14.47 5.91
CA VAL B 289 25.86 -14.80 4.76
C VAL B 289 25.95 -16.25 4.30
N THR B 290 27.07 -16.89 4.56
CA THR B 290 27.26 -18.30 4.19
C THR B 290 26.62 -19.31 5.17
N LYS B 291 26.16 -18.84 6.32
CA LYS B 291 25.47 -19.74 7.28
C LYS B 291 24.00 -19.80 6.89
N PRO B 292 23.47 -21.02 6.64
CA PRO B 292 22.11 -21.14 6.08
C PRO B 292 21.02 -20.34 6.79
N GLU B 293 21.02 -20.36 8.12
CA GLU B 293 19.99 -19.70 8.94
C GLU B 293 19.87 -18.17 8.71
N TYR B 294 20.89 -17.56 8.13
CA TYR B 294 20.87 -16.12 7.81
C TYR B 294 20.62 -15.79 6.34
N PHE B 295 20.74 -16.77 5.44
CA PHE B 295 20.40 -16.51 4.04
C PHE B 295 19.80 -17.68 3.24
N SER B 296 20.61 -18.69 2.94
CA SER B 296 20.16 -19.72 2.00
C SER B 296 18.91 -20.46 2.47
N ALA B 297 18.82 -20.74 3.78
CA ALA B 297 17.65 -21.43 4.33
C ALA B 297 16.39 -20.54 4.24
N LEU B 298 16.57 -19.23 4.44
CA LEU B 298 15.41 -18.29 4.38
C LEU B 298 14.90 -18.21 2.95
N VAL B 299 15.83 -18.18 1.98
CA VAL B 299 15.42 -18.19 0.57
C VAL B 299 14.73 -19.51 0.21
N GLU B 300 15.37 -20.63 0.55
CA GLU B 300 14.79 -21.98 0.26
C GLU B 300 13.40 -22.11 0.86
N ASN B 301 13.27 -21.76 2.13
CA ASN B 301 12.02 -21.99 2.87
C ASN B 301 10.86 -21.14 2.35
N SER B 302 11.18 -19.95 1.86
CA SER B 302 10.18 -18.96 1.43
C SER B 302 9.63 -19.21 0.05
N GLY B 303 10.42 -19.86 -0.80
CA GLY B 303 10.09 -20.00 -2.22
C GLY B 303 10.58 -18.86 -3.09
N LEU B 304 11.33 -17.93 -2.52
CA LEU B 304 11.96 -16.84 -3.31
C LEU B 304 12.79 -17.43 -4.44
N SER B 305 12.68 -16.86 -5.63
CA SER B 305 13.46 -17.32 -6.78
C SER B 305 13.86 -16.16 -7.69
N TRP B 306 15.10 -16.16 -8.14
CA TRP B 306 15.55 -15.28 -9.21
C TRP B 306 16.53 -16.08 -10.05
N THR B 307 16.86 -15.57 -11.25
CA THR B 307 17.86 -16.20 -12.11
C THR B 307 19.24 -15.71 -11.67
N PRO B 308 20.07 -16.61 -11.13
CA PRO B 308 21.43 -16.22 -10.74
C PRO B 308 22.37 -16.08 -11.95
N ASP B 309 23.38 -15.22 -11.80
CA ASP B 309 24.45 -15.11 -12.80
C ASP B 309 25.38 -16.35 -12.86
N TYR B 310 25.51 -17.04 -11.72
CA TYR B 310 26.38 -18.18 -11.57
C TYR B 310 25.71 -19.33 -10.82
N GLY B 311 26.03 -20.55 -11.20
CA GLY B 311 25.53 -21.74 -10.50
C GLY B 311 24.07 -22.01 -10.81
N ASN B 312 23.44 -22.84 -9.99
CA ASN B 312 22.09 -23.29 -10.28
C ASN B 312 21.09 -22.97 -9.15
N TRP B 313 21.48 -22.07 -8.24
CA TRP B 313 20.70 -21.76 -7.06
C TRP B 313 20.48 -20.24 -6.97
N PRO B 314 19.28 -19.76 -6.65
CA PRO B 314 18.05 -20.55 -6.39
C PRO B 314 17.56 -21.22 -7.63
N ALA B 315 16.79 -22.29 -7.44
CA ALA B 315 16.16 -22.95 -8.56
C ALA B 315 15.10 -22.03 -9.14
N ALA B 316 14.91 -22.12 -10.46
CA ALA B 316 13.83 -21.45 -11.17
C ALA B 316 12.49 -22.08 -10.79
N ARG B 317 11.63 -21.31 -10.17
CA ARG B 317 10.33 -21.79 -9.71
C ARG B 317 9.43 -20.59 -9.51
N GLY B 318 8.13 -20.86 -9.39
CA GLY B 318 7.17 -19.81 -9.08
C GLY B 318 5.77 -20.30 -8.85
N VAL B 319 4.90 -19.34 -8.53
CA VAL B 319 3.50 -19.63 -8.27
C VAL B 319 2.80 -19.89 -9.61
N TYR B 320 1.93 -20.89 -9.59
CA TYR B 320 1.08 -21.21 -10.71
C TYR B 320 -0.24 -20.48 -10.53
N GLY B 321 -0.61 -19.72 -11.55
CA GLY B 321 -1.75 -18.83 -11.46
C GLY B 321 -1.50 -17.64 -10.55
N ASN B 322 -2.58 -16.98 -10.15
CA ASN B 322 -2.54 -15.81 -9.27
C ASN B 322 -1.60 -14.70 -9.75
N GLY B 323 -1.45 -14.55 -11.07
CA GLY B 323 -0.50 -13.59 -11.63
C GLY B 323 0.95 -13.84 -11.26
N GLY B 324 1.27 -15.07 -10.85
CA GLY B 324 2.62 -15.40 -10.37
C GLY B 324 2.99 -14.83 -9.00
N LEU B 325 2.02 -14.31 -8.24
CA LEU B 325 2.28 -13.80 -6.91
C LEU B 325 1.82 -14.82 -5.89
N ALA B 326 2.56 -14.89 -4.79
CA ALA B 326 2.24 -15.72 -3.68
C ALA B 326 0.79 -15.55 -3.21
N ARG B 327 0.12 -16.66 -2.95
CA ARG B 327 -1.26 -16.60 -2.48
C ARG B 327 -1.32 -16.14 -1.04
N GLU B 328 -2.05 -15.05 -0.82
CA GLU B 328 -2.04 -14.38 0.46
C GLU B 328 -3.19 -14.88 1.33
N THR B 329 -2.96 -15.05 2.62
CA THR B 329 -4.03 -15.27 3.58
C THR B 329 -4.75 -13.92 3.86
N ALA B 330 -5.87 -13.96 4.57
CA ALA B 330 -6.62 -12.74 4.93
C ALA B 330 -5.80 -11.75 5.74
N GLY B 339 -11.79 -15.02 7.13
CA GLY B 339 -11.47 -15.14 5.71
C GLY B 339 -10.67 -16.42 5.43
N THR B 340 -11.12 -17.16 4.43
CA THR B 340 -10.58 -18.46 4.12
C THR B 340 -9.81 -18.30 2.83
N THR B 341 -8.61 -18.87 2.80
CA THR B 341 -7.82 -18.89 1.61
C THR B 341 -7.85 -20.31 1.04
N ARG B 342 -8.33 -20.46 -0.19
CA ARG B 342 -8.32 -21.74 -0.86
C ARG B 342 -7.18 -21.83 -1.87
N ILE B 343 -6.47 -22.97 -1.84
CA ILE B 343 -5.43 -23.27 -2.80
C ILE B 343 -5.83 -24.58 -3.45
N GLU B 344 -6.04 -24.55 -4.75
CA GLU B 344 -6.36 -25.80 -5.47
C GLU B 344 -5.12 -26.71 -5.53
N ALA B 345 -5.33 -28.01 -5.26
CA ALA B 345 -4.22 -28.98 -5.25
C ALA B 345 -3.50 -28.99 -6.61
N GLU B 346 -4.28 -28.80 -7.67
CA GLU B 346 -3.77 -28.72 -9.03
C GLU B 346 -2.93 -27.49 -9.35
N ASP B 347 -2.84 -26.51 -8.44
CA ASP B 347 -2.12 -25.26 -8.67
C ASP B 347 -0.79 -25.22 -7.91
N PHE B 348 -0.17 -26.40 -7.78
CA PHE B 348 1.19 -26.50 -7.25
C PHE B 348 2.18 -25.58 -7.99
N ASP B 349 3.21 -25.06 -7.30
CA ASP B 349 4.21 -24.25 -7.98
C ASP B 349 4.78 -24.93 -9.23
N TRP B 350 5.11 -24.13 -10.25
CA TRP B 350 5.93 -24.65 -11.34
C TRP B 350 7.40 -24.62 -10.90
N GLY B 351 8.22 -25.33 -11.63
CA GLY B 351 9.62 -25.56 -11.24
C GLY B 351 10.09 -26.93 -11.69
N GLY B 352 9.25 -27.92 -11.44
CA GLY B 352 9.43 -29.25 -12.04
C GLY B 352 9.70 -30.31 -11.01
N ASN B 353 9.86 -31.53 -11.54
CA ASN B 353 10.02 -32.72 -10.74
C ASN B 353 11.33 -32.61 -9.93
N GLY B 354 11.23 -32.84 -8.63
CA GLY B 354 12.35 -32.71 -7.74
C GLY B 354 12.59 -31.28 -7.29
N VAL B 355 11.78 -30.32 -7.74
CA VAL B 355 11.96 -28.89 -7.48
C VAL B 355 10.71 -28.34 -6.80
N SER B 356 9.58 -28.31 -7.53
CA SER B 356 8.31 -27.81 -7.00
C SER B 356 7.30 -28.92 -6.65
N TYR B 357 7.53 -30.12 -7.20
CA TYR B 357 6.78 -31.33 -6.83
C TYR B 357 7.71 -32.49 -7.01
N TYR B 358 7.32 -33.65 -6.49
CA TYR B 358 7.89 -34.91 -6.88
C TYR B 358 6.75 -35.85 -7.20
N ASP B 359 6.79 -36.39 -8.42
CA ASP B 359 5.87 -37.43 -8.83
C ASP B 359 6.65 -38.61 -9.34
N THR B 360 6.12 -39.80 -9.05
CA THR B 360 6.88 -41.04 -9.26
C THR B 360 7.00 -41.37 -10.74
N ASP B 361 6.13 -40.81 -11.57
CA ASP B 361 6.24 -40.94 -13.02
C ASP B 361 6.01 -39.61 -13.69
N SER B 362 6.74 -39.37 -14.78
CA SER B 362 6.68 -38.06 -15.41
C SER B 362 5.44 -37.85 -16.30
N VAL B 363 4.79 -38.92 -16.73
CA VAL B 363 3.48 -38.78 -17.36
C VAL B 363 2.48 -38.22 -16.32
N ASN B 364 1.54 -37.42 -16.79
CA ASN B 364 0.36 -37.03 -16.02
C ASN B 364 -0.72 -38.04 -16.37
N VAL B 365 -0.95 -39.02 -15.49
CA VAL B 365 -1.81 -40.21 -15.79
C VAL B 365 -3.26 -39.79 -16.11
N GLY B 366 -3.81 -38.85 -15.35
CA GLY B 366 -5.16 -38.34 -15.66
C GLY B 366 -5.23 -37.52 -16.94
N GLY B 367 -4.10 -36.93 -17.34
CA GLY B 367 -3.99 -36.07 -18.54
C GLY B 367 -4.58 -34.67 -18.46
N GLN B 368 -5.10 -34.28 -17.31
CA GLN B 368 -5.90 -33.04 -17.24
C GLN B 368 -5.07 -31.87 -16.75
N TYR B 369 -5.43 -30.67 -17.24
CA TYR B 369 -5.10 -29.34 -16.62
C TYR B 369 -3.67 -28.88 -16.91
N ARG B 370 -2.70 -29.69 -16.47
CA ARG B 370 -1.28 -29.44 -16.73
C ARG B 370 -0.67 -30.72 -17.30
N PRO B 371 -0.95 -31.01 -18.57
CA PRO B 371 -0.54 -32.28 -19.14
C PRO B 371 0.96 -32.42 -19.28
N ASP B 372 1.69 -31.29 -19.30
CA ASP B 372 3.14 -31.29 -19.47
C ASP B 372 3.95 -31.37 -18.18
N GLU B 373 3.31 -31.52 -17.01
CA GLU B 373 4.02 -31.81 -15.76
CA GLU B 373 4.01 -31.78 -15.75
C GLU B 373 3.63 -33.19 -15.30
N GLY B 374 4.32 -33.68 -14.27
CA GLY B 374 4.21 -35.04 -13.83
C GLY B 374 3.17 -35.33 -12.79
N VAL B 375 2.59 -34.30 -12.18
CA VAL B 375 1.52 -34.54 -11.21
C VAL B 375 0.34 -35.14 -11.98
N ASP B 376 -0.33 -36.10 -11.35
CA ASP B 376 -1.43 -36.82 -12.00
C ASP B 376 -2.72 -36.14 -11.62
N ILE B 377 -3.38 -35.59 -12.63
CA ILE B 377 -4.56 -34.73 -12.41
C ILE B 377 -5.73 -35.21 -13.27
N GLU B 378 -6.90 -35.34 -12.64
CA GLU B 378 -8.17 -35.76 -13.25
C GLU B 378 -9.28 -34.77 -12.91
N LYS B 379 -10.36 -34.80 -13.69
CA LYS B 379 -11.59 -34.08 -13.35
C LYS B 379 -12.21 -34.68 -12.08
N THR B 380 -12.75 -33.82 -11.23
CA THR B 380 -13.43 -34.28 -10.01
C THR B 380 -14.94 -34.12 -10.10
N SER B 381 -15.65 -35.05 -9.47
CA SER B 381 -17.11 -34.92 -9.30
C SER B 381 -17.53 -34.26 -7.95
N ASP B 382 -16.51 -33.86 -7.14
CA ASP B 382 -16.76 -33.16 -5.89
C ASP B 382 -17.51 -31.86 -6.16
N THR B 383 -18.17 -31.39 -5.11
CA THR B 383 -18.86 -30.10 -5.08
C THR B 383 -17.95 -28.98 -5.62
N GLY B 384 -18.40 -28.35 -6.70
CA GLY B 384 -17.67 -27.27 -7.36
C GLY B 384 -16.93 -27.67 -8.62
N GLY B 385 -16.87 -28.96 -8.89
CA GLY B 385 -16.16 -29.46 -10.04
C GLY B 385 -14.69 -29.06 -10.08
N GLY B 386 -14.17 -28.86 -11.29
CA GLY B 386 -12.76 -28.66 -11.46
C GLY B 386 -11.97 -29.96 -11.48
N TYR B 387 -10.86 -29.98 -10.74
CA TYR B 387 -9.87 -31.05 -10.86
C TYR B 387 -9.40 -31.49 -9.49
N ASN B 388 -8.91 -32.73 -9.42
CA ASN B 388 -8.20 -33.18 -8.24
C ASN B 388 -6.90 -33.87 -8.67
N VAL B 389 -5.93 -33.79 -7.77
CA VAL B 389 -4.74 -34.62 -7.86
C VAL B 389 -5.14 -36.04 -7.43
N GLY B 390 -4.71 -37.02 -8.23
CA GLY B 390 -4.97 -38.42 -7.96
C GLY B 390 -3.67 -39.17 -8.21
N TRP B 391 -3.74 -40.50 -8.22
CA TRP B 391 -2.51 -41.35 -8.32
C TRP B 391 -1.40 -40.80 -7.43
N ILE B 392 -1.76 -40.55 -6.17
CA ILE B 392 -0.83 -40.08 -5.16
C ILE B 392 -0.16 -41.31 -4.60
N SER B 393 1.16 -41.34 -4.70
CA SER B 393 1.97 -42.51 -4.39
C SER B 393 2.86 -42.17 -3.23
N GLU B 394 3.22 -43.20 -2.47
CA GLU B 394 4.11 -43.04 -1.35
C GLU B 394 5.35 -42.24 -1.73
N GLY B 395 5.67 -41.22 -0.95
CA GLY B 395 6.86 -40.40 -1.16
C GLY B 395 6.69 -39.15 -2.00
N GLU B 396 5.57 -39.04 -2.71
CA GLU B 396 5.32 -37.84 -3.46
C GLU B 396 5.16 -36.59 -2.59
N TRP B 397 5.36 -35.45 -3.22
CA TRP B 397 5.14 -34.17 -2.57
C TRP B 397 4.77 -33.05 -3.56
N LEU B 398 4.07 -32.06 -3.02
CA LEU B 398 3.57 -30.89 -3.75
C LEU B 398 3.87 -29.63 -2.92
N GLU B 399 4.39 -28.60 -3.57
CA GLU B 399 4.65 -27.31 -2.94
C GLU B 399 3.83 -26.17 -3.53
N TYR B 400 3.43 -25.26 -2.64
CA TYR B 400 2.56 -24.10 -2.98
C TYR B 400 3.18 -22.92 -2.23
N THR B 401 3.56 -21.89 -2.94
CA THR B 401 4.10 -20.69 -2.30
C THR B 401 2.96 -19.77 -1.87
N ILE B 402 2.95 -19.48 -0.58
CA ILE B 402 1.89 -18.69 0.05
C ILE B 402 2.54 -17.57 0.87
N ARG B 403 1.70 -16.65 1.33
CA ARG B 403 2.15 -15.56 2.17
C ARG B 403 1.17 -15.32 3.30
N VAL B 404 1.62 -15.58 4.52
CA VAL B 404 0.81 -15.49 5.74
C VAL B 404 0.97 -14.12 6.35
N ARG B 405 -0.06 -13.25 6.30
CA ARG B 405 0.11 -11.91 6.82
C ARG B 405 0.22 -11.91 8.35
N ASN B 406 -0.63 -12.69 9.02
CA ASN B 406 -0.72 -12.61 10.48
C ASN B 406 -0.32 -13.94 11.10
N PRO B 407 0.69 -13.95 12.00
CA PRO B 407 1.06 -15.22 12.61
C PRO B 407 -0.02 -15.72 13.57
N GLY B 408 -0.03 -17.02 13.81
CA GLY B 408 -0.94 -17.60 14.80
C GLY B 408 -1.47 -18.94 14.37
N TYR B 409 -2.50 -19.40 15.08
CA TYR B 409 -3.13 -20.67 14.80
C TYR B 409 -4.09 -20.53 13.63
N TYR B 410 -3.97 -21.46 12.69
CA TYR B 410 -4.86 -21.54 11.55
C TYR B 410 -5.48 -22.93 11.46
N ASN B 411 -6.73 -23.01 11.00
CA ASN B 411 -7.33 -24.27 10.57
C ASN B 411 -6.78 -24.60 9.18
N LEU B 412 -6.11 -25.75 9.07
CA LEU B 412 -5.62 -26.28 7.80
C LEU B 412 -6.55 -27.39 7.39
N SER B 413 -7.17 -27.24 6.22
CA SER B 413 -8.14 -28.21 5.74
C SER B 413 -7.68 -28.81 4.40
N LEU B 414 -7.83 -30.13 4.30
CA LEU B 414 -7.52 -30.91 3.12
C LEU B 414 -8.79 -31.59 2.69
N ARG B 415 -9.13 -31.41 1.41
CA ARG B 415 -10.35 -32.01 0.85
C ARG B 415 -9.88 -33.27 0.15
N VAL B 416 -10.21 -34.42 0.75
CA VAL B 416 -9.59 -35.70 0.40
C VAL B 416 -10.63 -36.82 0.14
N ALA B 417 -10.17 -37.84 -0.58
CA ALA B 417 -10.97 -39.02 -0.87
C ALA B 417 -10.03 -40.22 -0.89
N GLY B 418 -10.51 -41.36 -0.45
CA GLY B 418 -9.69 -42.58 -0.51
C GLY B 418 -10.48 -43.81 -0.15
N ILE B 419 -10.21 -44.92 -0.81
CA ILE B 419 -10.82 -46.21 -0.41
C ILE B 419 -10.37 -46.61 1.01
N SER B 420 -9.06 -46.57 1.25
CA SER B 420 -8.47 -46.91 2.52
C SER B 420 -7.98 -45.64 3.22
N GLY B 421 -7.55 -45.81 4.47
CA GLY B 421 -6.87 -44.76 5.20
C GLY B 421 -5.56 -44.39 4.53
N SER B 422 -5.10 -43.18 4.81
CA SER B 422 -3.84 -42.68 4.25
C SER B 422 -3.16 -41.79 5.27
N ARG B 423 -1.95 -41.37 4.96
CA ARG B 423 -1.17 -40.58 5.89
C ARG B 423 -0.48 -39.47 5.11
N VAL B 424 -0.54 -38.27 5.66
CA VAL B 424 0.14 -37.08 5.12
CA VAL B 424 0.12 -37.10 5.09
C VAL B 424 0.84 -36.34 6.22
N GLN B 425 1.75 -35.46 5.82
CA GLN B 425 2.42 -34.57 6.73
C GLN B 425 2.58 -33.28 5.94
N VAL B 426 2.34 -32.15 6.61
CA VAL B 426 2.42 -30.86 5.94
C VAL B 426 3.45 -29.98 6.62
N SER B 427 4.32 -29.42 5.79
CA SER B 427 5.37 -28.52 6.21
C SER B 427 5.07 -27.13 5.66
N PHE B 428 5.48 -26.12 6.45
CA PHE B 428 5.42 -24.73 6.07
C PHE B 428 6.83 -24.15 6.22
N GLY B 429 7.39 -23.62 5.14
CA GLY B 429 8.76 -23.16 5.18
C GLY B 429 9.73 -24.22 5.66
N ASN B 430 9.46 -25.46 5.26
CA ASN B 430 10.27 -26.61 5.61
C ASN B 430 10.29 -27.00 7.09
N GLN B 431 9.33 -26.51 7.86
CA GLN B 431 9.10 -26.89 9.24
C GLN B 431 7.83 -27.72 9.29
N ASP B 432 7.92 -28.89 9.89
CA ASP B 432 6.75 -29.78 10.02
C ASP B 432 5.74 -29.11 10.95
N LYS B 433 4.53 -28.85 10.47
CA LYS B 433 3.49 -28.19 11.30
C LYS B 433 2.39 -29.14 11.76
N THR B 434 2.34 -30.35 11.21
CA THR B 434 1.25 -31.28 11.52
C THR B 434 1.66 -32.57 12.22
N GLY B 435 2.91 -33.01 12.06
CA GLY B 435 3.32 -34.39 12.35
C GLY B 435 2.60 -35.35 11.39
N VAL B 436 2.60 -36.62 11.74
CA VAL B 436 1.81 -37.60 11.00
C VAL B 436 0.33 -37.26 11.11
N TRP B 437 -0.34 -37.21 9.96
CA TRP B 437 -1.74 -36.82 9.88
C TRP B 437 -2.46 -37.94 9.15
N GLU B 438 -3.21 -38.73 9.91
CA GLU B 438 -3.95 -39.85 9.37
C GLU B 438 -5.24 -39.31 8.75
N LEU B 439 -5.43 -39.61 7.48
CA LEU B 439 -6.61 -39.15 6.77
C LEU B 439 -7.57 -40.29 6.75
N PRO B 440 -8.87 -39.98 6.87
CA PRO B 440 -9.88 -41.03 6.96
C PRO B 440 -10.12 -41.76 5.64
N ALA B 441 -10.41 -43.05 5.74
CA ALA B 441 -10.99 -43.78 4.63
C ALA B 441 -12.40 -43.22 4.34
N THR B 442 -12.66 -42.83 3.10
CA THR B 442 -13.99 -42.37 2.72
C THR B 442 -14.76 -43.46 2.01
N GLY B 443 -14.08 -44.47 1.49
CA GLY B 443 -14.74 -45.57 0.80
C GLY B 443 -14.77 -45.45 -0.72
N GLY B 444 -14.32 -44.32 -1.27
CA GLY B 444 -14.27 -44.18 -2.73
C GLY B 444 -13.39 -43.03 -3.18
N PHE B 445 -12.89 -43.14 -4.40
CA PHE B 445 -11.96 -42.11 -4.92
C PHE B 445 -12.66 -40.78 -5.31
N GLN B 446 -13.98 -40.78 -5.35
CA GLN B 446 -14.74 -39.52 -5.50
C GLN B 446 -15.82 -39.38 -4.43
N THR B 447 -15.53 -39.94 -3.25
CA THR B 447 -16.30 -39.73 -2.05
C THR B 447 -15.44 -38.87 -1.12
N TRP B 448 -15.87 -37.62 -0.98
CA TRP B 448 -15.02 -36.57 -0.43
C TRP B 448 -15.36 -36.19 0.99
N THR B 449 -14.32 -35.82 1.74
CA THR B 449 -14.49 -35.29 3.07
C THR B 449 -13.40 -34.23 3.29
N THR B 450 -13.64 -33.36 4.27
CA THR B 450 -12.65 -32.36 4.66
C THR B 450 -12.05 -32.76 6.00
N ALA B 451 -10.72 -32.96 5.99
CA ALA B 451 -9.93 -33.20 7.16
C ALA B 451 -9.32 -31.91 7.62
N THR B 452 -9.38 -31.64 8.92
CA THR B 452 -8.87 -30.38 9.46
C THR B 452 -7.91 -30.57 10.61
N ARG B 453 -6.90 -29.76 10.65
CA ARG B 453 -5.95 -29.76 11.76
C ARG B 453 -5.45 -28.36 11.99
N GLN B 454 -5.31 -27.99 13.25
CA GLN B 454 -4.79 -26.68 13.62
C GLN B 454 -3.26 -26.68 13.49
N VAL B 455 -2.71 -25.61 12.93
CA VAL B 455 -1.26 -25.45 12.77
C VAL B 455 -0.93 -24.06 13.26
N PHE B 456 0.25 -23.88 13.83
CA PHE B 456 0.72 -22.58 14.20
C PHE B 456 1.66 -22.08 13.09
N LEU B 457 1.27 -21.01 12.42
CA LEU B 457 2.10 -20.44 11.33
C LEU B 457 2.80 -19.16 11.73
N GLY B 458 4.06 -19.02 11.30
CA GLY B 458 4.76 -17.77 11.36
C GLY B 458 4.32 -16.88 10.21
N ALA B 459 4.60 -15.59 10.33
CA ALA B 459 4.29 -14.62 9.28
C ALA B 459 5.27 -14.79 8.13
N GLY B 460 4.76 -14.46 6.95
CA GLY B 460 5.60 -14.20 5.77
C GLY B 460 5.44 -15.21 4.66
N LEU B 461 6.26 -14.98 3.65
CA LEU B 461 6.38 -15.81 2.46
C LEU B 461 6.95 -17.19 2.86
N GLN B 462 6.27 -18.24 2.45
CA GLN B 462 6.59 -19.59 2.91
C GLN B 462 5.95 -20.62 2.00
N LYS B 463 6.65 -21.74 1.80
CA LYS B 463 6.11 -22.83 0.97
C LYS B 463 5.31 -23.78 1.83
N LEU B 464 4.10 -24.08 1.36
CA LEU B 464 3.28 -25.12 1.94
C LEU B 464 3.60 -26.39 1.15
N ARG B 465 4.04 -27.41 1.88
CA ARG B 465 4.43 -28.67 1.24
C ARG B 465 3.64 -29.84 1.80
N ILE B 466 2.92 -30.52 0.90
CA ILE B 466 2.17 -31.73 1.19
C ILE B 466 3.12 -32.90 0.93
N ASN B 467 3.41 -33.67 1.97
CA ASN B 467 4.22 -34.89 1.85
C ASN B 467 3.31 -36.09 2.00
N ALA B 468 3.18 -36.86 0.92
CA ALA B 468 2.39 -38.11 0.97
C ALA B 468 3.20 -39.22 1.66
N LEU B 469 2.90 -39.48 2.93
CA LEU B 469 3.58 -40.53 3.68
C LEU B 469 3.13 -41.93 3.22
N SER B 470 1.88 -42.06 2.85
CA SER B 470 1.37 -43.22 2.13
C SER B 470 0.80 -42.73 0.85
N GLY B 471 0.53 -43.65 -0.07
CA GLY B 471 -0.31 -43.33 -1.19
C GLY B 471 -1.78 -43.53 -0.88
N GLY B 472 -2.58 -43.50 -1.93
CA GLY B 472 -3.95 -44.01 -1.90
C GLY B 472 -5.04 -43.02 -1.46
N PHE B 473 -4.77 -41.74 -1.60
CA PHE B 473 -5.79 -40.71 -1.38
C PHE B 473 -5.68 -39.75 -2.55
N ASN B 474 -6.79 -39.08 -2.82
CA ASN B 474 -6.86 -37.97 -3.76
C ASN B 474 -7.00 -36.67 -3.01
N LEU B 475 -6.60 -35.57 -3.67
CA LEU B 475 -6.58 -34.25 -3.04
C LEU B 475 -7.18 -33.23 -3.98
N ASN B 476 -8.24 -32.56 -3.54
CA ASN B 476 -8.96 -31.60 -4.39
C ASN B 476 -8.40 -30.17 -4.20
N TRP B 477 -8.33 -29.82 -2.91
CA TRP B 477 -7.88 -28.50 -2.52
C TRP B 477 -7.44 -28.47 -1.06
N ILE B 478 -6.81 -27.33 -0.71
CA ILE B 478 -6.26 -27.02 0.60
C ILE B 478 -6.92 -25.72 1.05
N GLU B 479 -7.29 -25.60 2.34
CA GLU B 479 -7.76 -24.30 2.86
C GLU B 479 -7.04 -23.92 4.12
N LEU B 480 -6.91 -22.61 4.29
CA LEU B 480 -6.37 -22.02 5.51
C LEU B 480 -7.27 -20.93 6.00
N SER B 481 -7.53 -20.91 7.31
CA SER B 481 -8.23 -19.78 7.90
C SER B 481 -7.88 -19.64 9.38
N PRO B 482 -7.76 -18.38 9.87
CA PRO B 482 -7.48 -18.20 11.30
C PRO B 482 -8.51 -18.89 12.20
N ILE B 483 -8.09 -19.47 13.32
CA ILE B 483 -9.06 -20.18 14.21
C ILE B 483 -10.03 -19.19 14.87
#